data_5QCW
#
_entry.id   5QCW
#
_cell.length_a   82.027
_cell.length_b   102.945
_cell.length_c   99.916
_cell.angle_alpha   90.00
_cell.angle_beta   103.66
_cell.angle_gamma   90.00
#
_symmetry.space_group_name_H-M   'P 1 21 1'
#
loop_
_entity.id
_entity.type
_entity.pdbx_description
1 polymer 'Beta-secretase 1'
2 non-polymer (2R,4S)-N-butyl-4-[(2S,5S,7R)-2,7-dimethyl-3,15-dioxo-1,4-diazacyclopentadecan-5-yl]-4-hydroxy-2-methylbutanamide
3 water water
#
_entity_poly.entity_id   1
_entity_poly.type   'polypeptide(L)'
_entity_poly.pdbx_seq_one_letter_code
;GPDEEPEEPGRRGSFVEMVDNLRGKSGQGYYVEMTVGSPPQTLNILVDTGSSNFAVGAAPHPFLHRYYQRQLSSTYRDLR
KGVYVPYTQGKWEGELGTDLVSIPHGPNVTVRANIAAITESDKFFINGSNWEGILGLAYAEIARPDDSLEPFFDSLVKQT
HVPNLFSLQLCGAGFPLNQSEVLASVGGSMIIGGIDHSLYTGSLWYTPIRREWYYEVIIVRVEINGQDLKMDCKEYNYDK
SIVDSGTTNLRLPKKVFEAAVKSIKAASSTEKFPDGFWLGEQLVCWQAGTTPWNIFPVISLYLMGEVTNQSFRITILPQQ
YLRPVEDVATSQDDCYKFAISQSSTGTVMGAVIMEGFYVVFDRARKRIGFAVSACHVHDEFRTAAVEGPFVTLDMEDCGY
NI
;
_entity_poly.pdbx_strand_id   A,B,C
#
loop_
_chem_comp.id
_chem_comp.type
_chem_comp.name
_chem_comp.formula
AR9 non-polymer (2R,4S)-N-butyl-4-[(2S,5S,7R)-2,7-dimethyl-3,15-dioxo-1,4-diazacyclopentadecan-5-yl]-4-hydroxy-2-methylbutanamide 'C24 H45 N3 O4'
#
# COMPACT_ATOMS: atom_id res chain seq x y z
N SER A 14 -16.61 -7.78 33.98
CA SER A 14 -15.78 -8.94 34.29
C SER A 14 -14.59 -9.07 33.35
N PHE A 15 -14.13 -7.95 32.79
CA PHE A 15 -13.08 -8.02 31.79
C PHE A 15 -11.69 -8.01 32.41
N VAL A 16 -11.58 -7.66 33.71
CA VAL A 16 -10.29 -7.68 34.38
C VAL A 16 -9.68 -9.08 34.34
N GLU A 17 -10.51 -10.12 34.34
CA GLU A 17 -10.00 -11.48 34.27
C GLU A 17 -9.29 -11.78 32.95
N MET A 18 -9.54 -11.00 31.91
CA MET A 18 -8.92 -11.22 30.61
C MET A 18 -7.74 -10.29 30.35
N VAL A 19 -7.54 -9.28 31.19
CA VAL A 19 -6.36 -8.45 31.04
C VAL A 19 -5.13 -9.33 31.22
N ASP A 20 -4.13 -9.13 30.36
CA ASP A 20 -2.84 -9.82 30.43
C ASP A 20 -2.97 -11.31 30.13
N ASN A 21 -3.98 -11.71 29.35
CA ASN A 21 -4.15 -13.13 29.04
C ASN A 21 -3.36 -13.57 27.82
N LEU A 22 -2.55 -12.69 27.23
CA LEU A 22 -1.72 -13.00 26.07
C LEU A 22 -0.25 -12.97 26.46
N ARG A 23 0.51 -13.89 25.86
CA ARG A 23 1.96 -13.99 26.02
C ARG A 23 2.56 -14.29 24.66
N GLY A 24 3.89 -14.22 24.58
CA GLY A 24 4.56 -14.57 23.36
C GLY A 24 6.04 -14.24 23.42
N LYS A 25 6.71 -14.57 22.32
CA LYS A 25 8.09 -14.19 22.06
C LYS A 25 8.10 -13.20 20.90
N SER A 26 8.91 -12.15 21.03
CA SER A 26 9.01 -11.14 19.98
C SER A 26 9.22 -11.79 18.61
N GLY A 27 8.36 -11.44 17.66
CA GLY A 27 8.42 -11.95 16.30
C GLY A 27 7.86 -13.34 16.10
N GLN A 28 7.32 -13.97 17.15
CA GLN A 28 6.80 -15.32 17.03
C GLN A 28 5.31 -15.42 17.37
N GLY A 29 4.60 -14.30 17.42
CA GLY A 29 3.16 -14.31 17.58
C GLY A 29 2.72 -14.25 19.03
N TYR A 30 1.49 -13.77 19.22
CA TYR A 30 0.86 -13.72 20.53
C TYR A 30 -0.11 -14.88 20.66
N TYR A 31 -0.12 -15.51 21.84
CA TYR A 31 -0.97 -16.68 22.06
C TYR A 31 -1.76 -16.54 23.35
N VAL A 32 -2.92 -17.18 23.36
CA VAL A 32 -3.82 -17.21 24.51
C VAL A 32 -3.95 -18.68 24.93
N GLU A 33 -4.16 -18.90 26.22
CA GLU A 33 -4.34 -20.28 26.68
C GLU A 33 -5.77 -20.73 26.41
N MET A 34 -5.92 -21.96 25.92
CA MET A 34 -7.24 -22.53 25.67
C MET A 34 -7.24 -23.99 26.12
N THR A 35 -8.44 -24.55 26.27
CA THR A 35 -8.57 -25.98 26.48
C THR A 35 -9.51 -26.57 25.45
N VAL A 36 -9.16 -27.75 24.97
CA VAL A 36 -9.96 -28.52 24.02
C VAL A 36 -10.22 -29.90 24.62
N GLY A 37 -11.43 -30.41 24.43
CA GLY A 37 -11.74 -31.80 24.74
C GLY A 37 -12.19 -32.03 26.17
N SER A 38 -12.63 -33.27 26.41
CA SER A 38 -13.11 -33.71 27.72
C SER A 38 -12.41 -35.01 28.08
N PRO A 39 -11.55 -35.03 29.12
CA PRO A 39 -11.17 -33.92 30.01
C PRO A 39 -10.36 -32.84 29.30
N PRO A 40 -10.41 -31.60 29.80
CA PRO A 40 -9.78 -30.48 29.10
C PRO A 40 -8.30 -30.71 28.85
N GLN A 41 -7.87 -30.48 27.61
CA GLN A 41 -6.46 -30.53 27.24
C GLN A 41 -5.98 -29.09 27.02
N THR A 42 -4.97 -28.68 27.77
CA THR A 42 -4.48 -27.30 27.71
C THR A 42 -3.50 -27.10 26.56
N LEU A 43 -3.73 -26.04 25.78
CA LEU A 43 -2.87 -25.69 24.66
C LEU A 43 -2.76 -24.17 24.55
N ASN A 44 -1.60 -23.69 24.10
CA ASN A 44 -1.41 -22.28 23.80
C ASN A 44 -1.69 -22.03 22.32
N ILE A 45 -2.57 -21.06 22.05
CA ILE A 45 -3.15 -20.87 20.74
C ILE A 45 -2.83 -19.46 20.24
N LEU A 46 -2.18 -19.38 19.08
CA LEU A 46 -1.82 -18.09 18.50
C LEU A 46 -3.07 -17.34 18.07
N VAL A 47 -3.15 -16.05 18.38
CA VAL A 47 -4.32 -15.26 18.02
C VAL A 47 -4.08 -14.61 16.66
N ASP A 48 -4.87 -15.00 15.65
CA ASP A 48 -4.65 -14.64 14.24
C ASP A 48 -5.89 -13.97 13.62
N THR A 49 -5.92 -12.63 13.59
CA THR A 49 -7.04 -11.98 12.90
C THR A 49 -6.90 -12.01 11.38
N GLY A 50 -5.82 -12.57 10.84
CA GLY A 50 -5.66 -12.71 9.41
C GLY A 50 -6.19 -14.00 8.82
N SER A 51 -6.84 -14.86 9.60
CA SER A 51 -7.40 -16.10 9.06
C SER A 51 -8.64 -16.50 9.86
N SER A 52 -9.24 -17.62 9.46
CA SER A 52 -10.53 -17.98 10.02
C SER A 52 -10.66 -19.45 10.41
N ASN A 53 -9.56 -20.21 10.47
CA ASN A 53 -9.58 -21.60 10.90
C ASN A 53 -8.96 -21.74 12.28
N PHE A 54 -9.61 -22.53 13.12
CA PHE A 54 -9.08 -22.93 14.40
C PHE A 54 -8.40 -24.28 14.19
N ALA A 55 -7.10 -24.35 14.44
CA ALA A 55 -6.37 -25.58 14.18
C ALA A 55 -5.31 -25.79 15.25
N VAL A 56 -5.03 -27.05 15.57
CA VAL A 56 -4.08 -27.39 16.63
C VAL A 56 -3.19 -28.54 16.16
N GLY A 57 -1.93 -28.50 16.61
CA GLY A 57 -1.07 -29.64 16.39
C GLY A 57 -1.73 -30.86 17.00
N ALA A 58 -1.83 -31.95 16.23
CA ALA A 58 -2.52 -33.15 16.68
C ALA A 58 -1.65 -34.40 16.45
N ALA A 59 -0.38 -34.20 16.20
CA ALA A 59 0.58 -35.25 15.94
C ALA A 59 1.94 -34.75 16.40
N PRO A 60 2.86 -35.65 16.75
CA PRO A 60 4.18 -35.20 17.19
C PRO A 60 4.84 -34.29 16.17
N HIS A 61 5.69 -33.39 16.67
CA HIS A 61 6.41 -32.48 15.81
C HIS A 61 7.61 -32.02 16.61
N PRO A 62 8.78 -31.89 16.00
CA PRO A 62 9.97 -31.46 16.76
C PRO A 62 9.79 -30.15 17.52
N PHE A 63 8.93 -29.24 17.06
CA PHE A 63 8.77 -27.94 17.72
C PHE A 63 7.59 -27.90 18.68
N LEU A 64 6.81 -28.98 18.78
CA LEU A 64 5.64 -29.01 19.66
C LEU A 64 5.99 -29.71 20.98
N HIS A 65 5.74 -29.02 22.08
CA HIS A 65 5.90 -29.61 23.41
C HIS A 65 4.69 -30.45 23.83
N ARG A 66 3.53 -30.21 23.22
CA ARG A 66 2.32 -30.96 23.50
C ARG A 66 1.43 -30.81 22.29
N TYR A 67 0.39 -31.63 22.24
CA TYR A 67 -0.53 -31.53 21.11
C TYR A 67 -1.86 -32.15 21.49
N TYR A 68 -2.85 -31.88 20.65
CA TYR A 68 -4.20 -32.36 20.84
C TYR A 68 -4.28 -33.86 20.58
N GLN A 69 -4.83 -34.61 21.53
CA GLN A 69 -4.98 -36.05 21.42
C GLN A 69 -6.47 -36.38 21.36
N ARG A 70 -6.97 -36.53 20.12
CA ARG A 70 -8.40 -36.78 19.92
C ARG A 70 -8.84 -38.05 20.63
N GLN A 71 -7.99 -39.08 20.66
CA GLN A 71 -8.36 -40.35 21.29
C GLN A 71 -8.66 -40.20 22.77
N LEU A 72 -8.10 -39.18 23.42
CA LEU A 72 -8.27 -38.98 24.85
C LEU A 72 -9.46 -38.10 25.21
N SER A 73 -10.24 -37.64 24.23
CA SER A 73 -11.34 -36.73 24.48
C SER A 73 -12.65 -37.45 24.18
N SER A 74 -13.51 -37.54 25.20
CA SER A 74 -14.79 -38.22 25.06
C SER A 74 -15.81 -37.40 24.28
N THR A 75 -15.57 -36.11 24.09
CA THR A 75 -16.47 -35.25 23.34
C THR A 75 -16.04 -35.00 21.90
N TYR A 76 -14.88 -35.54 21.50
CA TYR A 76 -14.43 -35.37 20.12
C TYR A 76 -15.39 -36.03 19.15
N ARG A 77 -15.71 -35.34 18.07
CA ARG A 77 -16.53 -35.89 17.00
C ARG A 77 -15.79 -35.70 15.67
N ASP A 78 -15.64 -36.79 14.92
CA ASP A 78 -14.96 -36.73 13.64
C ASP A 78 -15.90 -36.19 12.57
N LEU A 79 -15.37 -35.32 11.72
CA LEU A 79 -16.13 -34.76 10.60
C LEU A 79 -15.86 -35.47 9.27
N ARG A 80 -14.88 -36.38 9.22
CA ARG A 80 -14.59 -37.17 8.03
C ARG A 80 -14.37 -36.27 6.81
N LYS A 81 -13.54 -35.24 7.02
CA LYS A 81 -13.22 -34.28 5.96
C LYS A 81 -11.81 -33.76 6.18
N GLY A 82 -11.03 -33.70 5.11
CA GLY A 82 -9.70 -33.14 5.17
C GLY A 82 -9.72 -31.62 5.02
N VAL A 83 -8.60 -31.00 5.34
CA VAL A 83 -8.49 -29.54 5.23
C VAL A 83 -7.03 -29.17 5.10
N TYR A 84 -6.79 -28.11 4.33
CA TYR A 84 -5.47 -27.54 4.11
C TYR A 84 -5.63 -26.02 4.22
N VAL A 85 -4.69 -25.34 4.87
CA VAL A 85 -4.70 -23.89 4.95
C VAL A 85 -3.32 -23.34 4.57
N PRO A 86 -3.20 -22.53 3.50
CA PRO A 86 -1.93 -21.86 3.22
C PRO A 86 -1.92 -20.44 3.74
N TYR A 87 -0.82 -19.99 4.33
CA TYR A 87 -0.67 -18.62 4.80
C TYR A 87 0.40 -17.92 3.96
N THR A 88 0.59 -16.63 4.22
CA THR A 88 1.67 -15.91 3.58
C THR A 88 2.99 -16.66 3.73
N GLN A 89 3.25 -17.16 4.93
CA GLN A 89 4.42 -17.99 5.21
C GLN A 89 3.97 -19.13 6.10
N GLY A 90 4.12 -20.35 5.63
CA GLY A 90 3.69 -21.51 6.39
C GLY A 90 2.37 -22.06 5.87
N LYS A 91 2.15 -23.35 6.12
CA LYS A 91 0.93 -24.02 5.72
C LYS A 91 0.82 -25.30 6.52
N TRP A 92 -0.40 -25.82 6.62
CA TRP A 92 -0.60 -27.10 7.28
C TRP A 92 -1.80 -27.78 6.65
N GLU A 93 -1.89 -29.08 6.87
CA GLU A 93 -3.05 -29.85 6.46
C GLU A 93 -3.45 -30.73 7.62
N GLY A 94 -4.72 -31.11 7.66
CA GLY A 94 -5.20 -31.91 8.76
C GLY A 94 -6.56 -32.49 8.54
N GLU A 95 -7.16 -32.94 9.65
CA GLU A 95 -8.45 -33.62 9.67
C GLU A 95 -9.43 -32.78 10.48
N LEU A 96 -10.59 -32.50 9.90
CA LEU A 96 -11.60 -31.70 10.59
C LEU A 96 -12.39 -32.52 11.60
N GLY A 97 -12.86 -31.84 12.64
CA GLY A 97 -13.67 -32.45 13.69
C GLY A 97 -14.23 -31.35 14.56
N THR A 98 -14.99 -31.75 15.58
CA THR A 98 -15.50 -30.80 16.56
C THR A 98 -15.20 -31.32 17.96
N ASP A 99 -15.17 -30.39 18.92
CA ASP A 99 -14.92 -30.73 20.31
C ASP A 99 -15.28 -29.51 21.15
N LEU A 100 -15.31 -29.72 22.46
CA LEU A 100 -15.63 -28.65 23.40
C LEU A 100 -14.40 -27.80 23.67
N VAL A 101 -14.58 -26.48 23.64
CA VAL A 101 -13.47 -25.54 23.76
C VAL A 101 -13.85 -24.47 24.78
N SER A 102 -12.88 -24.06 25.59
CA SER A 102 -13.08 -22.96 26.52
C SER A 102 -11.79 -22.16 26.60
N ILE A 103 -11.88 -20.98 27.19
CA ILE A 103 -10.74 -20.08 27.35
C ILE A 103 -10.61 -19.74 28.84
N PRO A 104 -9.67 -20.37 29.55
CA PRO A 104 -9.56 -20.17 31.00
C PRO A 104 -9.58 -18.70 31.42
N HIS A 105 -8.76 -17.87 30.78
CA HIS A 105 -8.73 -16.44 31.07
C HIS A 105 -9.58 -15.67 30.07
N GLY A 106 -10.81 -16.14 29.91
CA GLY A 106 -11.78 -15.53 29.03
C GLY A 106 -13.15 -15.68 29.66
N PRO A 107 -14.20 -15.58 28.84
CA PRO A 107 -15.56 -15.76 29.38
C PRO A 107 -15.77 -17.16 29.95
N ASN A 108 -16.59 -17.25 30.99
CA ASN A 108 -16.84 -18.52 31.68
C ASN A 108 -17.87 -19.33 30.92
N VAL A 109 -17.43 -19.85 29.78
CA VAL A 109 -18.35 -20.56 28.90
C VAL A 109 -17.58 -21.62 28.12
N THR A 110 -18.33 -22.59 27.58
CA THR A 110 -17.78 -23.68 26.81
C THR A 110 -18.59 -23.79 25.54
N VAL A 111 -17.91 -23.93 24.40
CA VAL A 111 -18.59 -24.02 23.12
C VAL A 111 -18.07 -25.24 22.37
N ARG A 112 -18.94 -25.81 21.53
CA ARG A 112 -18.53 -26.82 20.60
C ARG A 112 -18.13 -26.12 19.30
N ALA A 113 -16.89 -26.31 18.88
CA ALA A 113 -16.35 -25.56 17.76
C ALA A 113 -15.67 -26.51 16.78
N ASN A 114 -15.56 -26.04 15.55
CA ASN A 114 -14.76 -26.73 14.54
C ASN A 114 -13.29 -26.65 14.92
N ILE A 115 -12.59 -27.78 14.78
CA ILE A 115 -11.15 -27.84 15.05
C ILE A 115 -10.48 -28.63 13.94
N ALA A 116 -9.44 -28.05 13.34
CA ALA A 116 -8.63 -28.79 12.39
C ALA A 116 -7.47 -29.42 13.14
N ALA A 117 -7.38 -30.74 13.11
CA ALA A 117 -6.31 -31.48 13.76
C ALA A 117 -5.12 -31.56 12.81
N ILE A 118 -4.07 -30.79 13.09
CA ILE A 118 -2.94 -30.69 12.17
C ILE A 118 -2.11 -31.98 12.20
N THR A 119 -2.03 -32.64 11.05
CA THR A 119 -1.24 -33.87 10.91
C THR A 119 0.04 -33.68 10.13
N GLU A 120 0.14 -32.63 9.32
CA GLU A 120 1.37 -32.33 8.61
C GLU A 120 1.43 -30.82 8.39
N SER A 121 2.64 -30.28 8.40
CA SER A 121 2.79 -28.84 8.30
C SER A 121 4.15 -28.54 7.69
N ASP A 122 4.31 -27.28 7.27
CA ASP A 122 5.53 -26.82 6.61
C ASP A 122 5.73 -25.35 6.97
N LYS A 123 6.82 -25.05 7.70
CA LYS A 123 7.18 -23.69 8.08
C LYS A 123 6.05 -22.99 8.83
N PHE A 124 5.20 -23.74 9.53
CA PHE A 124 4.09 -23.17 10.29
C PHE A 124 4.45 -23.03 11.76
N PHE A 125 4.70 -24.14 12.45
CA PHE A 125 5.15 -24.09 13.84
C PHE A 125 6.53 -23.48 13.93
N ILE A 126 6.77 -22.77 15.03
CA ILE A 126 8.00 -22.03 15.24
C ILE A 126 8.71 -22.59 16.46
N ASN A 127 9.99 -22.90 16.30
CA ASN A 127 10.78 -23.49 17.36
C ASN A 127 10.89 -22.54 18.55
N GLY A 128 10.43 -22.98 19.72
CA GLY A 128 10.51 -22.18 20.93
C GLY A 128 9.47 -21.08 21.05
N SER A 129 8.42 -21.13 20.24
CA SER A 129 7.39 -20.09 20.28
C SER A 129 6.43 -20.29 21.45
N ASN A 130 6.29 -21.52 21.93
CA ASN A 130 5.43 -21.93 23.05
C ASN A 130 3.96 -22.03 22.68
N TRP A 131 3.60 -21.99 21.38
CA TRP A 131 2.22 -22.22 20.98
C TRP A 131 2.13 -23.46 20.10
N GLU A 132 0.96 -24.09 20.16
CA GLU A 132 0.69 -25.37 19.50
C GLU A 132 -0.51 -25.35 18.57
N GLY A 133 -1.16 -24.21 18.36
CA GLY A 133 -2.33 -24.12 17.52
C GLY A 133 -2.58 -22.68 17.13
N ILE A 134 -3.63 -22.48 16.35
CA ILE A 134 -3.93 -21.15 15.83
C ILE A 134 -5.42 -20.91 15.89
N LEU A 135 -5.80 -19.70 16.28
CA LEU A 135 -7.18 -19.26 16.40
C LEU A 135 -7.41 -18.20 15.33
N GLY A 136 -8.02 -18.61 14.22
CA GLY A 136 -8.36 -17.66 13.18
C GLY A 136 -9.61 -16.87 13.55
N LEU A 137 -9.46 -15.56 13.72
CA LEU A 137 -10.55 -14.74 14.23
C LEU A 137 -11.31 -13.98 13.13
N ALA A 138 -10.97 -14.16 11.85
CA ALA A 138 -11.66 -13.45 10.79
C ALA A 138 -12.91 -14.24 10.37
N TYR A 139 -13.51 -13.88 9.23
CA TYR A 139 -14.85 -14.34 8.88
C TYR A 139 -14.86 -15.61 8.04
N ALA A 140 -16.04 -16.24 7.96
CA ALA A 140 -16.19 -17.52 7.30
C ALA A 140 -15.78 -17.48 5.83
N GLU A 141 -15.91 -16.32 5.18
CA GLU A 141 -15.65 -16.25 3.74
C GLU A 141 -14.24 -16.74 3.39
N ILE A 142 -13.26 -16.59 4.27
CA ILE A 142 -11.93 -17.08 3.96
C ILE A 142 -11.57 -18.34 4.73
N ALA A 143 -12.55 -19.00 5.35
CA ALA A 143 -12.26 -20.27 6.02
C ALA A 143 -12.03 -21.36 4.98
N ARG A 144 -11.11 -22.32 5.31
CA ARG A 144 -10.95 -23.48 4.45
C ARG A 144 -11.64 -24.69 5.08
N PRO A 145 -12.13 -25.64 4.28
CA PRO A 145 -12.11 -25.72 2.82
C PRO A 145 -13.02 -24.70 2.14
N ASP A 146 -14.07 -24.26 2.83
CA ASP A 146 -14.99 -23.28 2.28
C ASP A 146 -15.72 -22.58 3.43
N ASP A 147 -16.55 -21.61 3.08
CA ASP A 147 -17.19 -20.76 4.07
C ASP A 147 -18.28 -21.48 4.86
N SER A 148 -18.51 -22.77 4.66
CA SER A 148 -19.47 -23.47 5.50
C SER A 148 -18.85 -23.94 6.81
N LEU A 149 -17.54 -23.88 6.96
CA LEU A 149 -16.88 -24.25 8.22
C LEU A 149 -16.92 -23.04 9.13
N GLU A 150 -17.88 -23.04 10.05
CA GLU A 150 -18.09 -21.92 10.95
C GLU A 150 -16.84 -21.64 11.79
N PRO A 151 -16.32 -20.42 11.78
CA PRO A 151 -15.14 -20.10 12.61
C PRO A 151 -15.49 -20.08 14.09
N PHE A 152 -14.43 -20.17 14.91
CA PHE A 152 -14.60 -20.25 16.36
C PHE A 152 -15.43 -19.09 16.92
N PHE A 153 -15.07 -17.85 16.57
CA PHE A 153 -15.78 -16.72 17.19
C PHE A 153 -17.25 -16.70 16.80
N ASP A 154 -17.57 -17.09 15.56
CA ASP A 154 -18.97 -17.22 15.18
C ASP A 154 -19.69 -18.24 16.03
N SER A 155 -19.05 -19.39 16.28
CA SER A 155 -19.64 -20.38 17.18
C SER A 155 -19.79 -19.81 18.59
N LEU A 156 -18.76 -19.12 19.08
CA LEU A 156 -18.83 -18.53 20.41
C LEU A 156 -20.04 -17.61 20.54
N VAL A 157 -20.21 -16.71 19.57
CA VAL A 157 -21.32 -15.76 19.61
C VAL A 157 -22.66 -16.47 19.46
N LYS A 158 -22.72 -17.50 18.62
CA LYS A 158 -24.00 -18.16 18.38
C LYS A 158 -24.44 -18.98 19.59
N GLN A 159 -23.50 -19.65 20.27
CA GLN A 159 -23.87 -20.56 21.35
C GLN A 159 -23.95 -19.92 22.73
N THR A 160 -23.38 -18.73 22.94
CA THR A 160 -23.33 -18.10 24.25
C THR A 160 -23.88 -16.69 24.16
N HIS A 161 -23.82 -15.97 25.28
CA HIS A 161 -24.24 -14.58 25.33
C HIS A 161 -23.07 -13.61 25.17
N VAL A 162 -21.91 -14.10 24.76
CA VAL A 162 -20.76 -13.21 24.54
C VAL A 162 -21.11 -12.26 23.40
N PRO A 163 -21.04 -10.94 23.61
CA PRO A 163 -21.32 -10.00 22.52
C PRO A 163 -20.36 -10.18 21.36
N ASN A 164 -20.81 -9.75 20.18
CA ASN A 164 -20.10 -9.99 18.91
C ASN A 164 -19.04 -8.91 18.70
N LEU A 165 -18.03 -8.92 19.58
CA LEU A 165 -16.86 -8.07 19.39
C LEU A 165 -15.75 -8.54 20.32
N PHE A 166 -14.52 -8.20 19.95
CA PHE A 166 -13.38 -8.47 20.80
C PHE A 166 -12.37 -7.38 20.56
N SER A 167 -11.44 -7.22 21.50
CA SER A 167 -10.39 -6.23 21.32
C SER A 167 -9.05 -6.84 21.69
N LEU A 168 -8.01 -6.30 21.06
CA LEU A 168 -6.64 -6.79 21.22
C LEU A 168 -5.76 -5.63 21.65
N GLN A 169 -5.04 -5.83 22.74
CA GLN A 169 -4.02 -4.89 23.19
C GLN A 169 -2.72 -5.68 23.14
N LEU A 170 -1.94 -5.47 22.09
CA LEU A 170 -0.67 -6.15 21.92
C LEU A 170 0.45 -5.24 22.42
N CYS A 171 1.20 -5.72 23.41
CA CYS A 171 2.29 -4.94 23.98
C CYS A 171 3.62 -5.52 23.50
N GLY A 172 4.46 -4.67 22.92
CA GLY A 172 5.76 -5.10 22.44
C GLY A 172 6.75 -5.36 23.56
N ALA A 173 8.03 -5.07 23.32
CA ALA A 173 9.08 -5.25 24.32
C ALA A 173 8.93 -4.29 25.51
N SER A 185 8.75 -12.68 26.36
CA SER A 185 9.24 -11.31 26.28
C SER A 185 8.17 -10.31 25.75
N VAL A 186 6.97 -10.78 25.43
CA VAL A 186 5.87 -9.90 25.04
C VAL A 186 4.60 -10.37 25.75
N GLY A 187 3.67 -9.43 25.93
CA GLY A 187 2.41 -9.73 26.59
C GLY A 187 1.31 -8.89 25.96
N GLY A 188 0.10 -9.05 26.49
CA GLY A 188 -1.01 -8.29 25.96
C GLY A 188 -2.33 -8.83 26.47
N SER A 189 -3.41 -8.31 25.90
CA SER A 189 -4.74 -8.66 26.35
C SER A 189 -5.65 -8.90 25.15
N MET A 190 -6.44 -9.97 25.21
CA MET A 190 -7.54 -10.19 24.27
C MET A 190 -8.81 -10.14 25.09
N ILE A 191 -9.54 -9.04 24.98
CA ILE A 191 -10.79 -8.85 25.72
C ILE A 191 -11.90 -9.39 24.84
N ILE A 192 -12.45 -10.54 25.24
CA ILE A 192 -13.46 -11.23 24.44
C ILE A 192 -14.83 -10.73 24.86
N GLY A 193 -15.55 -10.13 23.93
CA GLY A 193 -16.90 -9.68 24.19
C GLY A 193 -17.03 -8.24 24.61
N GLY A 194 -15.96 -7.46 24.57
CA GLY A 194 -16.13 -6.08 24.97
C GLY A 194 -14.85 -5.26 24.84
N ILE A 195 -14.95 -4.08 25.44
CA ILE A 195 -13.91 -3.06 25.45
C ILE A 195 -13.58 -2.81 26.92
N ASP A 196 -12.29 -2.87 27.26
CA ASP A 196 -11.84 -2.57 28.62
C ASP A 196 -11.22 -1.19 28.62
N HIS A 197 -11.93 -0.22 29.17
CA HIS A 197 -11.53 1.17 29.07
C HIS A 197 -10.28 1.49 29.86
N SER A 198 -9.88 0.64 30.80
CA SER A 198 -8.65 0.92 31.53
C SER A 198 -7.41 0.68 30.67
N LEU A 199 -7.55 0.08 29.49
CA LEU A 199 -6.41 -0.30 28.66
C LEU A 199 -6.04 0.74 27.60
N TYR A 200 -6.72 1.87 27.50
CA TYR A 200 -6.33 2.83 26.47
C TYR A 200 -6.55 4.25 26.97
N THR A 201 -5.93 5.22 26.31
CA THR A 201 -6.16 6.63 26.62
C THR A 201 -6.74 7.35 25.42
N GLY A 202 -7.33 8.51 25.68
CA GLY A 202 -7.90 9.27 24.58
C GLY A 202 -9.15 8.59 24.04
N SER A 203 -9.49 8.94 22.81
CA SER A 203 -10.71 8.47 22.19
C SER A 203 -10.43 7.32 21.24
N LEU A 204 -11.44 6.46 21.06
CA LEU A 204 -11.38 5.42 20.05
C LEU A 204 -11.83 6.01 18.71
N TRP A 205 -11.09 5.73 17.66
CA TRP A 205 -11.45 6.16 16.30
C TRP A 205 -11.74 4.92 15.47
N TYR A 206 -12.87 4.94 14.76
CA TYR A 206 -13.35 3.76 14.07
C TYR A 206 -13.26 3.94 12.54
N THR A 207 -12.86 2.86 11.86
CA THR A 207 -12.80 2.73 10.42
C THR A 207 -13.71 1.57 10.02
N PRO A 208 -14.45 1.69 8.91
CA PRO A 208 -15.37 0.62 8.52
C PRO A 208 -14.61 -0.65 8.14
N ILE A 209 -15.22 -1.78 8.47
CA ILE A 209 -14.75 -3.04 7.90
C ILE A 209 -15.33 -3.08 6.48
N ARG A 210 -14.45 -3.00 5.46
CA ARG A 210 -14.95 -2.84 4.09
C ARG A 210 -15.79 -4.03 3.67
N ARG A 211 -15.34 -5.24 3.99
CA ARG A 211 -16.05 -6.46 3.63
C ARG A 211 -15.68 -7.48 4.69
N GLU A 212 -16.62 -8.34 5.03
CA GLU A 212 -16.41 -9.34 6.08
C GLU A 212 -15.76 -10.57 5.48
N TRP A 213 -14.44 -10.52 5.36
CA TRP A 213 -13.72 -11.73 4.99
C TRP A 213 -12.42 -11.72 5.78
N TYR A 214 -11.39 -11.06 5.27
CA TYR A 214 -10.38 -10.51 6.18
C TYR A 214 -11.00 -9.35 6.96
N TYR A 215 -10.28 -8.84 7.96
CA TYR A 215 -10.67 -7.56 8.55
C TYR A 215 -10.10 -6.49 7.62
N GLU A 216 -10.83 -6.25 6.52
CA GLU A 216 -10.35 -5.36 5.46
C GLU A 216 -10.73 -3.91 5.75
N VAL A 217 -9.75 -3.01 5.62
CA VAL A 217 -9.94 -1.59 5.84
C VAL A 217 -9.41 -0.83 4.62
N ILE A 218 -9.69 0.48 4.58
CA ILE A 218 -9.26 1.34 3.48
C ILE A 218 -8.34 2.44 4.02
N ILE A 219 -7.10 2.46 3.54
CA ILE A 219 -6.15 3.52 3.86
C ILE A 219 -6.33 4.64 2.84
N VAL A 220 -6.52 5.87 3.32
CA VAL A 220 -6.85 6.96 2.40
C VAL A 220 -5.70 7.95 2.19
N ARG A 221 -4.63 7.88 2.97
CA ARG A 221 -3.51 8.80 2.85
C ARG A 221 -2.35 8.24 3.67
N VAL A 222 -1.12 8.52 3.22
CA VAL A 222 0.07 8.12 3.96
C VAL A 222 1.03 9.29 4.00
N GLU A 223 1.53 9.62 5.19
CA GLU A 223 2.53 10.65 5.39
C GLU A 223 3.72 10.08 6.14
N ILE A 224 4.92 10.53 5.77
CA ILE A 224 6.14 10.17 6.48
C ILE A 224 6.80 11.46 6.97
N ASN A 225 6.95 11.57 8.30
CA ASN A 225 7.42 12.82 8.92
C ASN A 225 6.58 14.01 8.43
N GLY A 226 5.28 13.80 8.29
CA GLY A 226 4.40 14.88 7.90
C GLY A 226 4.32 15.21 6.42
N GLN A 227 5.02 14.48 5.56
CA GLN A 227 4.98 14.73 4.12
C GLN A 227 4.15 13.65 3.44
N ASP A 228 3.19 14.07 2.64
CA ASP A 228 2.31 13.15 1.93
C ASP A 228 3.11 12.38 0.88
N LEU A 229 2.90 11.06 0.82
CA LEU A 229 3.53 10.26 -0.23
C LEU A 229 3.00 10.62 -1.62
N LYS A 230 1.81 11.23 -1.70
CA LYS A 230 1.27 11.76 -2.95
C LYS A 230 1.08 10.69 -4.02
N MET A 231 0.80 9.46 -3.59
CA MET A 231 0.44 8.38 -4.50
C MET A 231 -1.08 8.30 -4.64
N ASP A 232 -1.52 7.71 -5.75
CA ASP A 232 -2.93 7.33 -5.89
C ASP A 232 -3.30 6.43 -4.72
N CYS A 233 -4.32 6.82 -3.96
CA CYS A 233 -4.62 6.12 -2.73
C CYS A 233 -5.05 4.68 -2.97
N LYS A 234 -5.46 4.33 -4.21
CA LYS A 234 -5.71 2.92 -4.53
C LYS A 234 -4.46 2.08 -4.36
N GLU A 235 -3.27 2.68 -4.60
CA GLU A 235 -2.02 1.95 -4.43
C GLU A 235 -1.85 1.46 -2.99
N TYR A 236 -2.34 2.24 -2.01
CA TYR A 236 -2.22 1.86 -0.60
C TYR A 236 -3.03 0.62 -0.28
N ASN A 237 -4.09 0.36 -1.05
CA ASN A 237 -4.96 -0.78 -0.82
C ASN A 237 -4.91 -1.73 -2.01
N TYR A 238 -3.82 -1.72 -2.77
CA TYR A 238 -3.72 -2.45 -4.02
C TYR A 238 -3.77 -3.92 -3.71
N ASP A 239 -4.90 -4.51 -4.14
CA ASP A 239 -5.45 -5.79 -3.76
C ASP A 239 -6.37 -5.49 -2.58
N LYS A 240 -5.80 -5.26 -1.41
CA LYS A 240 -6.59 -5.06 -0.19
C LYS A 240 -5.66 -4.55 0.91
N SER A 241 -6.27 -4.09 2.00
CA SER A 241 -5.55 -3.74 3.23
C SER A 241 -6.28 -4.45 4.37
N ILE A 242 -5.53 -5.16 5.21
CA ILE A 242 -6.11 -5.95 6.28
C ILE A 242 -5.37 -5.69 7.58
N VAL A 243 -6.04 -5.98 8.70
CA VAL A 243 -5.43 -5.92 10.03
C VAL A 243 -5.17 -7.35 10.48
N ASP A 244 -3.92 -7.67 10.79
CA ASP A 244 -3.55 -9.06 11.07
C ASP A 244 -2.61 -9.15 12.27
N SER A 245 -3.15 -9.57 13.41
CA SER A 245 -2.37 -9.78 14.62
C SER A 245 -1.34 -10.90 14.47
N GLY A 246 -1.49 -11.75 13.45
CA GLY A 246 -0.59 -12.85 13.19
C GLY A 246 0.53 -12.57 12.19
N THR A 247 0.67 -11.32 11.76
CA THR A 247 1.81 -10.91 10.94
C THR A 247 2.66 -9.96 11.77
N THR A 248 3.96 -10.19 11.80
CA THR A 248 4.87 -9.34 12.56
C THR A 248 4.96 -7.95 11.96
N ASN A 249 5.22 -7.87 10.66
CA ASN A 249 5.63 -6.64 10.00
C ASN A 249 4.44 -5.80 9.56
N LEU A 250 4.76 -4.56 9.20
CA LEU A 250 3.95 -3.76 8.30
C LEU A 250 4.35 -4.18 6.89
N ARG A 251 3.44 -4.81 6.17
CA ARG A 251 3.71 -5.29 4.82
C ARG A 251 2.99 -4.38 3.84
N LEU A 252 3.71 -3.90 2.84
CA LEU A 252 3.21 -2.87 1.93
C LEU A 252 3.31 -3.30 0.47
N PRO A 253 2.34 -2.95 -0.37
CA PRO A 253 2.46 -3.28 -1.78
C PRO A 253 3.72 -2.70 -2.37
N LYS A 254 4.24 -3.40 -3.40
CA LYS A 254 5.53 -3.07 -4.01
C LYS A 254 5.75 -1.58 -4.19
N LYS A 255 4.85 -0.92 -4.92
CA LYS A 255 5.06 0.49 -5.21
C LYS A 255 5.09 1.33 -3.93
N VAL A 256 4.21 1.03 -2.98
CA VAL A 256 4.17 1.77 -1.73
C VAL A 256 5.41 1.46 -0.90
N PHE A 257 5.81 0.19 -0.87
CA PHE A 257 7.01 -0.20 -0.15
C PHE A 257 8.24 0.56 -0.65
N GLU A 258 8.38 0.66 -1.98
CA GLU A 258 9.55 1.37 -2.52
C GLU A 258 9.52 2.84 -2.13
N ALA A 259 8.36 3.50 -2.25
CA ALA A 259 8.31 4.92 -1.86
C ALA A 259 8.63 5.12 -0.39
N ALA A 260 8.11 4.25 0.49
CA ALA A 260 8.36 4.40 1.91
C ALA A 260 9.83 4.17 2.25
N VAL A 261 10.43 3.11 1.69
CA VAL A 261 11.85 2.85 1.94
C VAL A 261 12.70 4.01 1.44
N LYS A 262 12.39 4.53 0.25
CA LYS A 262 13.12 5.68 -0.27
C LYS A 262 13.05 6.85 0.70
N SER A 263 11.88 7.10 1.29
CA SER A 263 11.73 8.21 2.22
C SER A 263 12.46 7.93 3.53
N ILE A 264 12.36 6.70 4.05
CA ILE A 264 13.02 6.35 5.30
C ILE A 264 14.53 6.34 5.14
N LYS A 265 15.02 5.86 3.99
CA LYS A 265 16.46 5.91 3.71
C LYS A 265 16.96 7.34 3.74
N ALA A 266 16.30 8.23 2.99
CA ALA A 266 16.71 9.62 2.91
C ALA A 266 16.76 10.27 4.29
N ALA A 267 15.77 9.97 5.14
CA ALA A 267 15.73 10.64 6.44
C ALA A 267 16.84 10.16 7.35
N SER A 268 17.33 8.95 7.15
CA SER A 268 18.38 8.38 7.97
C SER A 268 19.72 8.26 7.24
N SER A 269 19.91 9.05 6.18
CA SER A 269 21.10 8.90 5.32
C SER A 269 22.41 9.13 6.06
N THR A 270 22.40 9.95 7.11
CA THR A 270 23.61 10.20 7.90
C THR A 270 24.20 8.91 8.51
N GLU A 271 23.49 7.79 8.47
CA GLU A 271 23.98 6.52 8.98
C GLU A 271 24.17 5.52 7.83
N LYS A 272 24.97 4.50 8.10
CA LYS A 272 25.28 3.46 7.13
C LYS A 272 24.54 2.18 7.49
N PHE A 273 23.94 1.55 6.49
CA PHE A 273 23.21 0.31 6.66
C PHE A 273 23.65 -0.73 5.64
N PRO A 274 23.74 -2.01 6.04
CA PRO A 274 24.16 -3.07 5.10
C PRO A 274 23.30 -3.25 3.85
N ASP A 275 22.23 -2.45 3.69
CA ASP A 275 21.23 -2.52 2.62
C ASP A 275 20.50 -3.87 2.56
N GLY A 276 21.16 -4.96 2.94
CA GLY A 276 20.39 -6.15 3.27
C GLY A 276 19.47 -5.87 4.44
N PHE A 277 19.79 -4.80 5.18
CA PHE A 277 18.95 -4.32 6.26
C PHE A 277 17.58 -3.92 5.73
N TRP A 278 17.54 -3.14 4.64
CA TRP A 278 16.27 -2.66 4.12
C TRP A 278 15.40 -3.76 3.53
N LEU A 279 15.94 -4.95 3.34
CA LEU A 279 15.16 -6.10 2.90
C LEU A 279 14.82 -7.03 4.06
N GLY A 280 15.18 -6.65 5.28
CA GLY A 280 14.98 -7.52 6.42
C GLY A 280 15.96 -8.67 6.53
N GLU A 281 16.96 -8.75 5.64
CA GLU A 281 17.88 -9.87 5.64
C GLU A 281 19.02 -9.69 6.63
N GLN A 282 19.42 -8.45 6.92
CA GLN A 282 20.52 -8.15 7.82
C GLN A 282 20.07 -7.17 8.90
N LEU A 283 20.62 -7.32 10.10
CA LEU A 283 20.27 -6.41 11.19
C LEU A 283 21.35 -5.34 11.37
N VAL A 284 20.95 -4.20 11.93
CA VAL A 284 21.85 -3.09 12.21
C VAL A 284 21.99 -2.94 13.72
N CYS A 285 23.15 -2.47 14.17
CA CYS A 285 23.44 -2.32 15.58
C CYS A 285 24.09 -0.97 15.85
N TRP A 286 24.04 -0.57 17.12
CA TRP A 286 24.60 0.67 17.62
C TRP A 286 24.99 0.41 19.06
N GLN A 287 25.94 1.20 19.58
CA GLN A 287 26.34 1.02 20.97
C GLN A 287 25.13 1.19 21.88
N ALA A 288 25.07 0.34 22.90
CA ALA A 288 23.94 0.31 23.84
C ALA A 288 23.51 1.71 24.27
N GLY A 289 22.22 1.99 24.08
CA GLY A 289 21.62 3.25 24.45
C GLY A 289 21.97 4.43 23.57
N THR A 290 22.50 4.18 22.36
CA THR A 290 22.84 5.27 21.44
C THR A 290 22.10 5.16 20.11
N THR A 291 21.04 4.38 20.05
CA THR A 291 20.28 4.28 18.82
C THR A 291 19.79 5.67 18.42
N PRO A 292 20.06 6.13 17.19
CA PRO A 292 19.65 7.47 16.74
C PRO A 292 18.19 7.51 16.28
N TRP A 293 17.27 7.26 17.20
CA TRP A 293 15.83 7.26 16.90
C TRP A 293 15.42 8.51 16.12
N ASN A 294 16.00 9.66 16.47
CA ASN A 294 15.59 10.93 15.88
C ASN A 294 15.72 10.95 14.36
N ILE A 295 16.65 10.17 13.80
CA ILE A 295 16.81 10.22 12.35
C ILE A 295 15.85 9.31 11.60
N PHE A 296 15.03 8.48 12.32
CA PHE A 296 14.05 7.63 11.63
C PHE A 296 12.68 8.28 11.71
N PRO A 297 11.95 8.37 10.62
CA PRO A 297 10.70 9.14 10.61
C PRO A 297 9.52 8.41 11.23
N VAL A 298 8.52 9.20 11.60
CA VAL A 298 7.21 8.63 11.96
C VAL A 298 6.41 8.42 10.69
N ILE A 299 5.53 7.41 10.71
CA ILE A 299 4.65 7.09 9.59
C ILE A 299 3.21 7.28 10.05
N SER A 300 2.45 8.03 9.29
CA SER A 300 1.04 8.27 9.57
C SER A 300 0.23 7.56 8.51
N LEU A 301 -0.66 6.67 8.95
CA LEU A 301 -1.63 6.00 8.11
C LEU A 301 -3.00 6.61 8.39
N TYR A 302 -3.61 7.18 7.36
CA TYR A 302 -4.96 7.72 7.48
C TYR A 302 -5.97 6.67 7.04
N LEU A 303 -6.96 6.43 7.90
CA LEU A 303 -7.98 5.43 7.65
C LEU A 303 -9.34 6.08 7.41
N MET A 304 -10.14 5.49 6.53
CA MET A 304 -11.51 5.94 6.30
C MET A 304 -12.27 5.97 7.61
N GLY A 305 -12.99 7.07 7.83
CA GLY A 305 -13.75 7.28 9.05
C GLY A 305 -15.18 6.79 8.95
N GLU A 306 -15.97 7.13 9.97
CA GLU A 306 -17.37 6.74 10.06
C GLU A 306 -18.33 7.71 9.37
N VAL A 307 -17.95 8.96 9.13
CA VAL A 307 -18.86 9.91 8.50
C VAL A 307 -18.30 10.38 7.15
N THR A 308 -19.19 10.96 6.34
CA THR A 308 -18.87 11.35 4.98
C THR A 308 -17.63 12.25 4.98
N ASN A 309 -16.69 11.94 4.10
CA ASN A 309 -15.49 12.76 3.88
C ASN A 309 -14.66 12.94 5.13
N GLN A 310 -14.75 12.00 6.10
CA GLN A 310 -14.00 12.10 7.34
C GLN A 310 -13.08 10.90 7.50
N SER A 311 -11.87 11.17 7.95
CA SER A 311 -10.88 10.15 8.20
C SER A 311 -10.21 10.46 9.54
N PHE A 312 -9.27 9.59 9.92
CA PHE A 312 -8.47 9.86 11.11
C PHE A 312 -7.10 9.24 10.83
N ARG A 313 -6.12 9.57 11.67
CA ARG A 313 -4.80 9.01 11.42
C ARG A 313 -4.25 8.31 12.66
N ILE A 314 -3.46 7.28 12.40
CA ILE A 314 -2.66 6.62 13.41
C ILE A 314 -1.21 6.83 13.02
N THR A 315 -0.39 7.17 14.01
CA THR A 315 1.00 7.49 13.77
C THR A 315 1.88 6.44 14.43
N ILE A 316 2.87 5.96 13.67
CA ILE A 316 3.78 4.90 14.09
C ILE A 316 5.15 5.52 14.33
N LEU A 317 5.80 5.12 15.44
CA LEU A 317 7.16 5.57 15.74
C LEU A 317 8.18 4.59 15.21
N PRO A 318 9.42 5.02 14.96
CA PRO A 318 10.44 4.07 14.52
C PRO A 318 10.65 2.93 15.48
N GLN A 319 10.40 3.14 16.77
CA GLN A 319 10.52 2.04 17.72
C GLN A 319 9.55 0.91 17.41
N GLN A 320 8.54 1.15 16.57
CA GLN A 320 7.64 0.08 16.18
C GLN A 320 8.15 -0.67 14.95
N TYR A 321 8.69 0.03 13.95
CA TYR A 321 9.10 -0.67 12.75
C TYR A 321 10.58 -1.02 12.73
N LEU A 322 11.32 -0.75 13.83
CA LEU A 322 12.69 -1.25 14.00
C LEU A 322 12.59 -2.24 15.16
N ARG A 323 12.39 -3.51 14.82
CA ARG A 323 12.10 -4.52 15.82
C ARG A 323 13.40 -4.94 16.51
N PRO A 324 13.46 -4.89 17.85
CA PRO A 324 14.71 -5.24 18.52
C PRO A 324 14.96 -6.74 18.46
N VAL A 325 16.20 -7.09 18.16
CA VAL A 325 16.62 -8.48 18.09
C VAL A 325 17.82 -8.65 19.01
N GLU A 326 17.84 -9.76 19.74
CA GLU A 326 18.96 -10.02 20.62
C GLU A 326 20.14 -10.53 19.81
N ASP A 327 21.25 -9.80 19.85
CA ASP A 327 22.46 -10.23 19.18
C ASP A 327 23.05 -11.39 19.98
N VAL A 328 23.11 -12.57 19.36
CA VAL A 328 23.56 -13.77 20.06
C VAL A 328 25.04 -13.75 20.36
N ALA A 329 25.81 -12.85 19.71
CA ALA A 329 27.24 -12.84 19.98
C ALA A 329 27.61 -11.86 21.09
N THR A 330 28.13 -10.69 20.72
CA THR A 330 28.56 -9.69 21.70
C THR A 330 27.34 -8.86 22.07
N SER A 331 26.66 -9.28 23.14
CA SER A 331 25.51 -8.55 23.67
C SER A 331 25.93 -7.19 24.24
N GLN A 332 26.76 -6.47 23.49
CA GLN A 332 27.19 -5.12 23.84
C GLN A 332 26.48 -4.03 23.04
N ASP A 333 25.56 -4.39 22.15
CA ASP A 333 24.95 -3.41 21.26
C ASP A 333 23.46 -3.65 21.14
N ASP A 334 22.75 -2.59 20.76
CA ASP A 334 21.32 -2.65 20.49
C ASP A 334 21.18 -2.89 18.99
N CYS A 335 20.64 -4.05 18.63
CA CYS A 335 20.48 -4.45 17.24
C CYS A 335 19.01 -4.53 16.88
N TYR A 336 18.70 -4.24 15.62
CA TYR A 336 17.33 -4.14 15.16
C TYR A 336 17.21 -4.69 13.75
N LYS A 337 16.03 -5.20 13.42
CA LYS A 337 15.67 -5.60 12.07
C LYS A 337 14.59 -4.67 11.55
N PHE A 338 14.68 -4.34 10.26
CA PHE A 338 13.68 -3.51 9.59
C PHE A 338 12.39 -4.30 9.43
N ALA A 339 11.33 -3.90 10.12
CA ALA A 339 10.09 -4.69 10.14
C ALA A 339 9.04 -4.13 9.18
N ILE A 340 9.47 -3.55 8.07
CA ILE A 340 8.58 -3.16 7.00
C ILE A 340 9.01 -3.95 5.77
N SER A 341 8.10 -4.72 5.20
CA SER A 341 8.48 -5.57 4.09
C SER A 341 7.47 -5.47 2.96
N GLN A 342 7.90 -5.94 1.80
CA GLN A 342 7.13 -5.79 0.58
C GLN A 342 6.11 -6.91 0.46
N SER A 343 4.97 -6.60 -0.13
CA SER A 343 3.89 -7.56 -0.25
C SER A 343 3.42 -7.60 -1.70
N SER A 344 2.90 -8.75 -2.11
CA SER A 344 2.19 -8.87 -3.38
C SER A 344 0.72 -9.18 -3.18
N THR A 345 0.22 -9.14 -1.93
CA THR A 345 -1.17 -9.46 -1.64
C THR A 345 -1.84 -8.34 -0.84
N GLY A 346 -1.37 -7.09 -1.02
CA GLY A 346 -1.93 -5.94 -0.36
C GLY A 346 -1.21 -5.55 0.92
N THR A 347 -1.70 -4.48 1.55
CA THR A 347 -1.14 -4.01 2.82
C THR A 347 -1.54 -4.96 3.94
N VAL A 348 -0.60 -5.22 4.85
CA VAL A 348 -0.89 -5.94 6.08
C VAL A 348 -0.44 -5.07 7.24
N MET A 349 -1.40 -4.64 8.06
CA MET A 349 -1.10 -3.91 9.30
C MET A 349 -0.91 -4.96 10.38
N GLY A 350 0.35 -5.39 10.56
CA GLY A 350 0.70 -6.43 11.51
C GLY A 350 0.96 -5.90 12.91
N ALA A 351 1.70 -6.70 13.68
CA ALA A 351 1.98 -6.32 15.07
C ALA A 351 2.73 -4.99 15.16
N VAL A 352 3.59 -4.70 14.19
CA VAL A 352 4.28 -3.41 14.13
C VAL A 352 3.31 -2.25 14.25
N ILE A 353 2.14 -2.38 13.63
CA ILE A 353 1.13 -1.34 13.72
C ILE A 353 0.33 -1.50 15.00
N MET A 354 -0.14 -2.72 15.28
CA MET A 354 -1.09 -2.93 16.37
C MET A 354 -0.48 -2.67 17.74
N GLU A 355 0.81 -2.96 17.93
CA GLU A 355 1.44 -2.79 19.24
C GLU A 355 1.33 -1.35 19.75
N GLY A 356 1.25 -0.37 18.89
CA GLY A 356 1.06 0.93 19.50
C GLY A 356 -0.36 1.23 20.01
N PHE A 357 -1.34 0.37 19.74
CA PHE A 357 -2.73 0.76 19.93
C PHE A 357 -3.58 -0.31 20.62
N TYR A 358 -4.72 0.15 21.13
CA TYR A 358 -5.79 -0.72 21.58
C TYR A 358 -6.72 -0.87 20.39
N VAL A 359 -6.93 -2.09 19.91
CA VAL A 359 -7.65 -2.30 18.64
C VAL A 359 -8.94 -3.06 18.90
N VAL A 360 -10.07 -2.45 18.54
CA VAL A 360 -11.38 -3.02 18.79
C VAL A 360 -11.94 -3.58 17.48
N PHE A 361 -12.20 -4.90 17.47
CA PHE A 361 -12.80 -5.58 16.33
C PHE A 361 -14.30 -5.67 16.58
N ASP A 362 -14.98 -4.58 16.22
CA ASP A 362 -16.41 -4.40 16.51
C ASP A 362 -17.20 -5.02 15.37
N ARG A 363 -17.24 -6.36 15.38
CA ARG A 363 -17.95 -7.11 14.35
C ARG A 363 -19.42 -6.69 14.30
N ALA A 364 -20.04 -6.48 15.46
CA ALA A 364 -21.47 -6.14 15.49
C ALA A 364 -21.77 -4.89 14.69
N ARG A 365 -20.88 -3.90 14.74
CA ARG A 365 -21.09 -2.65 14.02
C ARG A 365 -20.17 -2.52 12.80
N LYS A 366 -19.54 -3.61 12.38
CA LYS A 366 -18.75 -3.66 11.16
C LYS A 366 -17.72 -2.54 11.12
N ARG A 367 -16.93 -2.44 12.18
CA ARG A 367 -15.95 -1.38 12.28
C ARG A 367 -14.79 -1.85 13.16
N ILE A 368 -13.65 -1.20 12.97
CA ILE A 368 -12.45 -1.44 13.75
C ILE A 368 -12.04 -0.12 14.39
N GLY A 369 -11.86 -0.14 15.72
CA GLY A 369 -11.49 1.05 16.46
C GLY A 369 -10.02 1.06 16.85
N PHE A 370 -9.43 2.25 16.87
CA PHE A 370 -8.06 2.42 17.29
C PHE A 370 -8.00 3.47 18.38
N ALA A 371 -7.23 3.18 19.44
CA ALA A 371 -6.93 4.15 20.49
C ALA A 371 -5.48 3.96 20.95
N VAL A 372 -4.89 5.03 21.46
CA VAL A 372 -3.54 4.92 22.02
C VAL A 372 -3.57 3.90 23.15
N SER A 373 -2.67 2.95 23.09
CA SER A 373 -2.61 1.90 24.09
C SER A 373 -1.96 2.39 25.38
N ALA A 374 -2.45 1.88 26.52
CA ALA A 374 -1.77 2.15 27.78
C ALA A 374 -0.37 1.55 27.83
N CYS A 375 -0.09 0.52 27.04
CA CYS A 375 1.27 -0.03 26.99
C CYS A 375 1.98 0.41 25.72
N HIS A 376 1.88 1.70 25.42
CA HIS A 376 2.54 2.23 24.24
C HIS A 376 4.01 2.44 24.53
N VAL A 377 4.86 2.06 23.58
CA VAL A 377 6.30 2.27 23.68
C VAL A 377 6.56 3.62 23.01
N HIS A 378 7.02 4.60 23.78
CA HIS A 378 7.21 5.94 23.26
C HIS A 378 8.58 6.46 23.64
N ASP A 379 9.17 7.26 22.74
CA ASP A 379 10.45 7.90 23.04
C ASP A 379 10.24 9.18 23.82
N GLU A 380 11.27 10.02 23.85
CA GLU A 380 11.28 11.20 24.70
C GLU A 380 10.80 12.47 24.01
N PHE A 381 10.77 12.55 22.68
CA PHE A 381 10.28 13.76 22.04
C PHE A 381 9.06 13.57 21.15
N ARG A 382 8.69 12.34 20.78
CA ARG A 382 7.57 12.08 19.89
C ARG A 382 6.64 11.08 20.56
N THR A 383 5.39 11.06 20.12
CA THR A 383 4.37 10.20 20.71
C THR A 383 3.52 9.58 19.62
N ALA A 384 3.31 8.27 19.70
CA ALA A 384 2.36 7.61 18.84
C ALA A 384 0.97 8.17 19.14
N ALA A 385 0.12 8.25 18.10
CA ALA A 385 -1.12 8.96 18.27
C ALA A 385 -2.20 8.39 17.36
N VAL A 386 -3.45 8.63 17.77
CA VAL A 386 -4.64 8.40 16.97
C VAL A 386 -5.37 9.73 17.01
N GLU A 387 -5.51 10.36 15.86
CA GLU A 387 -5.95 11.76 15.82
C GLU A 387 -7.01 11.94 14.75
N GLY A 388 -8.00 12.76 15.06
CA GLY A 388 -9.05 13.09 14.12
C GLY A 388 -9.88 14.24 14.68
N PRO A 389 -10.87 14.68 13.92
CA PRO A 389 -11.16 14.16 12.58
C PRO A 389 -10.35 14.86 11.51
N PHE A 390 -10.18 14.24 10.36
CA PHE A 390 -9.61 14.89 9.19
C PHE A 390 -10.65 14.88 8.09
N VAL A 391 -10.56 15.84 7.17
CA VAL A 391 -11.42 15.82 6.00
C VAL A 391 -10.62 15.24 4.85
N THR A 392 -11.23 14.30 4.13
CA THR A 392 -10.62 13.61 3.01
C THR A 392 -11.72 13.36 1.99
N LEU A 393 -11.59 13.93 0.80
CA LEU A 393 -12.60 13.73 -0.22
C LEU A 393 -12.38 12.43 -0.99
N ASP A 394 -13.47 11.92 -1.57
CA ASP A 394 -13.43 10.76 -2.45
C ASP A 394 -12.74 9.54 -1.82
N MET A 395 -13.02 9.27 -0.54
CA MET A 395 -12.37 8.13 0.12
C MET A 395 -12.76 6.81 -0.55
N GLU A 396 -13.97 6.75 -1.11
CA GLU A 396 -14.44 5.54 -1.78
C GLU A 396 -13.54 5.14 -2.94
N ASP A 397 -12.93 6.11 -3.61
CA ASP A 397 -12.04 5.78 -4.71
C ASP A 397 -10.73 5.14 -4.26
N CYS A 398 -10.45 5.12 -2.95
CA CYS A 398 -9.21 4.51 -2.48
C CYS A 398 -9.31 3.00 -2.41
N GLY A 399 -10.53 2.46 -2.38
CA GLY A 399 -10.68 1.02 -2.37
C GLY A 399 -10.40 0.44 -3.75
N TYR A 400 -9.67 -0.67 -3.77
CA TYR A 400 -9.37 -1.33 -5.04
C TYR A 400 -10.47 -2.34 -5.38
N ASN A 401 -10.76 -2.46 -6.67
CA ASN A 401 -11.78 -3.37 -7.18
C ASN A 401 -11.23 -4.17 -8.36
N SER B 14 4.30 -37.08 3.05
CA SER B 14 4.80 -35.73 3.29
C SER B 14 4.59 -34.81 2.08
N PHE B 15 3.31 -34.61 1.74
CA PHE B 15 2.92 -33.91 0.53
C PHE B 15 2.49 -32.46 0.74
N VAL B 16 2.38 -31.98 1.98
CA VAL B 16 1.99 -30.59 2.24
C VAL B 16 2.87 -29.62 1.50
N GLU B 17 4.14 -29.95 1.33
CA GLU B 17 5.08 -29.05 0.66
C GLU B 17 4.71 -28.83 -0.78
N MET B 18 3.91 -29.70 -1.37
CA MET B 18 3.51 -29.61 -2.77
C MET B 18 2.09 -29.12 -2.95
N VAL B 19 1.29 -29.09 -1.88
CA VAL B 19 -0.05 -28.55 -2.03
C VAL B 19 0.07 -27.09 -2.49
N ASP B 20 -0.81 -26.71 -3.41
CA ASP B 20 -0.92 -25.34 -3.85
C ASP B 20 0.31 -24.88 -4.66
N ASN B 21 0.99 -25.83 -5.32
CA ASN B 21 2.16 -25.48 -6.10
C ASN B 21 1.82 -25.14 -7.55
N LEU B 22 0.55 -25.08 -7.91
CA LEU B 22 0.16 -24.72 -9.26
C LEU B 22 -0.50 -23.35 -9.27
N ARG B 23 -0.25 -22.59 -10.34
CA ARG B 23 -0.91 -21.29 -10.57
C ARG B 23 -1.28 -21.21 -12.04
N GLY B 24 -2.08 -20.20 -12.36
CA GLY B 24 -2.40 -19.98 -13.76
C GLY B 24 -3.45 -18.90 -13.93
N LYS B 25 -3.76 -18.65 -15.20
CA LYS B 25 -4.86 -17.79 -15.58
C LYS B 25 -5.91 -18.62 -16.29
N SER B 26 -7.19 -18.36 -15.97
CA SER B 26 -8.30 -19.09 -16.55
C SER B 26 -8.18 -19.20 -18.07
N GLY B 27 -8.22 -20.43 -18.57
CA GLY B 27 -8.11 -20.67 -20.00
C GLY B 27 -6.71 -20.55 -20.56
N GLN B 28 -5.70 -20.31 -19.74
CA GLN B 28 -4.33 -20.20 -20.21
C GLN B 28 -3.40 -21.23 -19.59
N GLY B 29 -3.94 -22.28 -18.94
CA GLY B 29 -3.15 -23.40 -18.47
C GLY B 29 -2.65 -23.23 -17.03
N TYR B 30 -2.38 -24.37 -16.41
CA TYR B 30 -1.80 -24.41 -15.06
C TYR B 30 -0.31 -24.67 -15.16
N TYR B 31 0.48 -23.96 -14.35
CA TYR B 31 1.93 -24.13 -14.41
C TYR B 31 2.53 -24.34 -13.03
N VAL B 32 3.66 -25.03 -13.01
CA VAL B 32 4.43 -25.26 -11.80
C VAL B 32 5.80 -24.62 -12.01
N GLU B 33 6.40 -24.17 -10.92
CA GLU B 33 7.72 -23.57 -10.99
C GLU B 33 8.78 -24.67 -11.02
N MET B 34 9.75 -24.50 -11.91
CA MET B 34 10.87 -25.41 -12.04
C MET B 34 12.15 -24.62 -12.19
N THR B 35 13.28 -25.29 -12.00
CA THR B 35 14.58 -24.69 -12.33
C THR B 35 15.32 -25.66 -13.25
N VAL B 36 16.02 -25.10 -14.23
CA VAL B 36 16.85 -25.86 -15.15
C VAL B 36 18.25 -25.26 -15.13
N GLY B 37 19.27 -26.12 -15.21
CA GLY B 37 20.63 -25.66 -15.41
C GLY B 37 21.40 -25.36 -14.14
N SER B 38 22.69 -25.10 -14.30
CA SER B 38 23.60 -24.79 -13.20
C SER B 38 24.36 -23.51 -13.52
N PRO B 39 24.15 -22.42 -12.77
CA PRO B 39 23.24 -22.25 -11.63
C PRO B 39 21.76 -22.30 -12.06
N PRO B 40 20.88 -22.66 -11.13
CA PRO B 40 19.46 -22.87 -11.47
C PRO B 40 18.84 -21.64 -12.15
N GLN B 41 18.16 -21.88 -13.26
CA GLN B 41 17.36 -20.87 -13.94
C GLN B 41 15.90 -21.16 -13.69
N THR B 42 15.20 -20.22 -13.06
CA THR B 42 13.81 -20.42 -12.67
C THR B 42 12.87 -20.15 -13.83
N LEU B 43 11.93 -21.07 -14.06
CA LEU B 43 10.94 -20.96 -15.13
C LEU B 43 9.62 -21.55 -14.67
N ASN B 44 8.52 -20.97 -15.15
CA ASN B 44 7.20 -21.54 -14.90
C ASN B 44 6.81 -22.46 -16.05
N ILE B 45 6.42 -23.69 -15.72
CA ILE B 45 6.26 -24.75 -16.72
C ILE B 45 4.82 -25.25 -16.71
N LEU B 46 4.17 -25.20 -17.86
CA LEU B 46 2.79 -25.66 -17.97
C LEU B 46 2.71 -27.16 -17.78
N VAL B 47 1.75 -27.61 -16.98
CA VAL B 47 1.56 -29.02 -16.69
C VAL B 47 0.62 -29.61 -17.73
N ASP B 48 1.14 -30.55 -18.56
CA ASP B 48 0.42 -31.08 -19.73
C ASP B 48 0.40 -32.61 -19.75
N THR B 49 -0.68 -33.22 -19.22
CA THR B 49 -0.77 -34.68 -19.34
C THR B 49 -1.16 -35.12 -20.75
N GLY B 50 -1.40 -34.21 -21.70
CA GLY B 50 -1.69 -34.60 -23.07
C GLY B 50 -0.50 -34.74 -24.01
N SER B 51 0.73 -34.59 -23.51
CA SER B 51 1.90 -34.73 -24.38
C SER B 51 3.04 -35.25 -23.52
N SER B 52 4.21 -35.45 -24.15
CA SER B 52 5.29 -36.15 -23.46
C SER B 52 6.66 -35.50 -23.62
N ASN B 53 6.72 -34.27 -24.13
CA ASN B 53 7.98 -33.55 -24.27
C ASN B 53 8.08 -32.45 -23.21
N PHE B 54 9.26 -32.37 -22.61
CA PHE B 54 9.60 -31.25 -21.73
C PHE B 54 10.32 -30.22 -22.59
N ALA B 55 9.75 -29.03 -22.69
CA ALA B 55 10.31 -28.02 -23.58
C ALA B 55 10.15 -26.64 -22.96
N VAL B 56 11.12 -25.76 -23.23
CA VAL B 56 11.13 -24.43 -22.65
C VAL B 56 11.54 -23.43 -23.72
N GLY B 57 10.96 -22.24 -23.65
CA GLY B 57 11.43 -21.17 -24.51
C GLY B 57 12.91 -20.94 -24.29
N ALA B 58 13.70 -20.88 -25.36
CA ALA B 58 15.14 -20.73 -25.23
C ALA B 58 15.69 -19.60 -26.09
N ALA B 59 14.80 -18.74 -26.59
CA ALA B 59 15.15 -17.62 -27.45
C ALA B 59 14.09 -16.55 -27.25
N PRO B 60 14.41 -15.29 -27.53
CA PRO B 60 13.41 -14.22 -27.34
C PRO B 60 12.11 -14.50 -28.08
N HIS B 61 11.02 -13.97 -27.52
CA HIS B 61 9.69 -14.09 -28.08
C HIS B 61 8.88 -12.98 -27.45
N PRO B 62 7.97 -12.34 -28.20
CA PRO B 62 7.17 -11.25 -27.62
C PRO B 62 6.41 -11.62 -26.36
N PHE B 63 6.03 -12.88 -26.18
CA PHE B 63 5.21 -13.29 -25.05
C PHE B 63 6.01 -13.86 -23.89
N LEU B 64 7.33 -13.99 -24.03
CA LEU B 64 8.17 -14.56 -22.98
C LEU B 64 8.79 -13.45 -22.13
N HIS B 65 8.59 -13.55 -20.81
CA HIS B 65 9.24 -12.64 -19.88
C HIS B 65 10.68 -13.06 -19.61
N ARG B 66 10.99 -14.34 -19.81
CA ARG B 66 12.31 -14.89 -19.60
C ARG B 66 12.40 -16.18 -20.41
N TYR B 67 13.61 -16.71 -20.53
CA TYR B 67 13.78 -17.95 -21.27
C TYR B 67 15.07 -18.63 -20.84
N TYR B 68 15.15 -19.89 -21.20
CA TYR B 68 16.30 -20.73 -20.87
C TYR B 68 17.51 -20.32 -21.69
N GLN B 69 18.62 -20.04 -21.00
CA GLN B 69 19.87 -19.64 -21.65
C GLN B 69 20.87 -20.76 -21.45
N ARG B 70 20.97 -21.62 -22.46
CA ARG B 70 21.84 -22.80 -22.39
C ARG B 70 23.30 -22.40 -22.15
N GLN B 71 23.72 -21.28 -22.74
CA GLN B 71 25.10 -20.83 -22.61
C GLN B 71 25.49 -20.55 -21.16
N LEU B 72 24.53 -20.26 -20.28
CA LEU B 72 24.80 -19.96 -18.88
C LEU B 72 24.77 -21.18 -17.97
N SER B 73 24.55 -22.37 -18.53
CA SER B 73 24.45 -23.59 -17.73
C SER B 73 25.65 -24.48 -18.04
N SER B 74 26.45 -24.75 -17.01
CA SER B 74 27.63 -25.59 -17.14
C SER B 74 27.28 -27.08 -17.23
N THR B 75 26.07 -27.45 -16.85
CA THR B 75 25.62 -28.84 -16.91
C THR B 75 24.82 -29.13 -18.17
N TYR B 76 24.57 -28.12 -18.99
CA TYR B 76 23.88 -28.33 -20.26
C TYR B 76 24.69 -29.22 -21.19
N ARG B 77 24.02 -30.16 -21.85
CA ARG B 77 24.63 -31.00 -22.86
C ARG B 77 23.79 -30.93 -24.12
N ASP B 78 24.43 -30.61 -25.24
CA ASP B 78 23.74 -30.54 -26.52
C ASP B 78 23.56 -31.95 -27.07
N LEU B 79 22.36 -32.25 -27.57
CA LEU B 79 22.15 -33.55 -28.19
C LEU B 79 22.31 -33.50 -29.69
N ARG B 80 22.47 -32.32 -30.27
CA ARG B 80 22.69 -32.13 -31.70
C ARG B 80 21.62 -32.82 -32.53
N LYS B 81 20.37 -32.56 -32.16
CA LYS B 81 19.20 -33.09 -32.85
C LYS B 81 18.08 -32.08 -32.72
N GLY B 82 17.39 -31.81 -33.83
CA GLY B 82 16.25 -30.93 -33.81
C GLY B 82 14.99 -31.67 -33.37
N VAL B 83 13.92 -30.93 -33.11
CA VAL B 83 12.69 -31.54 -32.67
C VAL B 83 11.52 -30.64 -33.06
N TYR B 84 10.38 -31.26 -33.36
CA TYR B 84 9.16 -30.55 -33.71
C TYR B 84 8.00 -31.20 -32.97
N VAL B 85 7.13 -30.40 -32.36
CA VAL B 85 5.94 -30.91 -31.68
C VAL B 85 4.71 -30.14 -32.12
N PRO B 86 3.73 -30.78 -32.76
CA PRO B 86 2.46 -30.11 -33.05
C PRO B 86 1.40 -30.50 -32.03
N TYR B 87 0.60 -29.54 -31.58
CA TYR B 87 -0.50 -29.80 -30.66
C TYR B 87 -1.82 -29.54 -31.39
N THR B 88 -2.94 -29.83 -30.70
CA THR B 88 -4.25 -29.48 -31.25
C THR B 88 -4.28 -28.03 -31.68
N GLN B 89 -3.74 -27.13 -30.85
CA GLN B 89 -3.54 -25.72 -31.22
C GLN B 89 -2.17 -25.30 -30.72
N GLY B 90 -1.33 -24.87 -31.63
CA GLY B 90 0.03 -24.47 -31.28
C GLY B 90 1.06 -25.52 -31.67
N LYS B 91 2.29 -25.06 -31.90
CA LYS B 91 3.36 -25.94 -32.32
C LYS B 91 4.68 -25.22 -32.09
N TRP B 92 5.75 -25.99 -31.99
CA TRP B 92 7.07 -25.40 -31.86
C TRP B 92 8.11 -26.34 -32.45
N GLU B 93 9.28 -25.77 -32.68
CA GLU B 93 10.45 -26.52 -33.09
C GLU B 93 11.58 -26.07 -32.20
N GLY B 94 12.57 -26.93 -32.04
CA GLY B 94 13.67 -26.55 -31.20
C GLY B 94 14.85 -27.49 -31.32
N GLU B 95 15.76 -27.35 -30.36
CA GLU B 95 16.99 -28.12 -30.30
C GLU B 95 16.98 -28.95 -29.03
N LEU B 96 17.25 -30.25 -29.16
CA LEU B 96 17.27 -31.16 -28.02
C LEU B 96 18.59 -31.07 -27.26
N GLY B 97 18.51 -31.35 -25.96
CA GLY B 97 19.65 -31.39 -25.08
C GLY B 97 19.20 -31.94 -23.74
N THR B 98 20.14 -32.05 -22.82
CA THR B 98 19.82 -32.46 -21.46
C THR B 98 20.44 -31.48 -20.47
N ASP B 99 19.88 -31.47 -19.26
CA ASP B 99 20.35 -30.57 -18.21
C ASP B 99 19.74 -31.03 -16.89
N LEU B 100 20.22 -30.44 -15.82
CA LEU B 100 19.74 -30.72 -14.48
C LEU B 100 18.46 -29.94 -14.21
N VAL B 101 17.47 -30.62 -13.65
CA VAL B 101 16.14 -30.04 -13.45
C VAL B 101 15.69 -30.36 -12.02
N SER B 102 15.03 -29.40 -11.38
CA SER B 102 14.43 -29.62 -10.08
C SER B 102 13.09 -28.90 -10.01
N ILE B 103 12.30 -29.27 -9.02
CA ILE B 103 10.98 -28.69 -8.77
C ILE B 103 10.96 -28.15 -7.36
N PRO B 104 11.14 -26.83 -7.18
CA PRO B 104 11.23 -26.26 -5.82
C PRO B 104 10.13 -26.70 -4.87
N HIS B 105 8.86 -26.60 -5.29
CA HIS B 105 7.73 -27.06 -4.51
C HIS B 105 7.31 -28.47 -4.93
N GLY B 106 8.30 -29.36 -5.00
CA GLY B 106 8.08 -30.74 -5.35
C GLY B 106 9.02 -31.58 -4.53
N PRO B 107 9.32 -32.80 -4.98
CA PRO B 107 10.27 -33.63 -4.23
C PRO B 107 11.64 -32.98 -4.20
N ASN B 108 12.34 -33.20 -3.09
CA ASN B 108 13.65 -32.58 -2.89
C ASN B 108 14.70 -33.40 -3.64
N VAL B 109 14.68 -33.27 -4.96
CA VAL B 109 15.56 -34.07 -5.79
C VAL B 109 15.91 -33.31 -7.07
N THR B 110 16.99 -33.75 -7.72
CA THR B 110 17.45 -33.15 -8.97
C THR B 110 17.70 -34.27 -9.98
N VAL B 111 17.22 -34.08 -11.20
CA VAL B 111 17.34 -35.12 -12.23
C VAL B 111 17.94 -34.52 -13.49
N ARG B 112 18.65 -35.36 -14.23
CA ARG B 112 19.10 -35.00 -15.56
C ARG B 112 18.01 -35.46 -16.53
N ALA B 113 17.45 -34.52 -17.28
CA ALA B 113 16.30 -34.80 -18.11
C ALA B 113 16.50 -34.24 -19.51
N ASN B 114 15.80 -34.82 -20.47
CA ASN B 114 15.77 -34.25 -21.81
C ASN B 114 15.01 -32.94 -21.79
N ILE B 115 15.53 -31.96 -22.50
CA ILE B 115 14.89 -30.65 -22.61
C ILE B 115 14.94 -30.24 -24.07
N ALA B 116 13.80 -29.83 -24.62
CA ALA B 116 13.76 -29.25 -25.94
C ALA B 116 13.84 -27.74 -25.79
N ALA B 117 14.87 -27.14 -26.38
CA ALA B 117 15.07 -25.70 -26.33
C ALA B 117 14.29 -25.08 -27.48
N ILE B 118 13.17 -24.44 -27.16
CA ILE B 118 12.29 -23.93 -28.21
C ILE B 118 12.93 -22.71 -28.86
N THR B 119 13.19 -22.81 -30.17
CA THR B 119 13.75 -21.73 -30.97
C THR B 119 12.75 -21.04 -31.88
N GLU B 120 11.63 -21.69 -32.21
CA GLU B 120 10.59 -21.00 -32.97
C GLU B 120 9.24 -21.65 -32.68
N SER B 121 8.17 -20.85 -32.70
CA SER B 121 6.88 -21.37 -32.28
C SER B 121 5.75 -20.59 -32.96
N ASP B 122 4.54 -21.14 -32.88
CA ASP B 122 3.36 -20.56 -33.51
C ASP B 122 2.13 -20.90 -32.69
N LYS B 123 1.46 -19.86 -32.15
CA LYS B 123 0.23 -20.01 -31.38
C LYS B 123 0.41 -20.96 -30.19
N PHE B 124 1.63 -21.02 -29.67
CA PHE B 124 1.96 -21.84 -28.52
C PHE B 124 2.02 -21.02 -27.24
N PHE B 125 2.96 -20.07 -27.16
CA PHE B 125 3.01 -19.17 -26.01
C PHE B 125 1.80 -18.23 -26.02
N ILE B 126 1.33 -17.87 -24.84
CA ILE B 126 0.14 -17.05 -24.66
C ILE B 126 0.54 -15.75 -23.96
N ASN B 127 0.10 -14.63 -24.50
CA ASN B 127 0.49 -13.33 -23.96
C ASN B 127 -0.02 -13.15 -22.53
N GLY B 128 0.90 -12.92 -21.59
CA GLY B 128 0.53 -12.71 -20.21
C GLY B 128 0.16 -13.95 -19.44
N SER B 129 0.54 -15.14 -19.94
CA SER B 129 0.18 -16.40 -19.30
C SER B 129 1.06 -16.68 -18.07
N ASN B 130 2.27 -16.13 -18.06
CA ASN B 130 3.26 -16.24 -16.99
C ASN B 130 3.99 -17.59 -17.03
N TRP B 131 3.86 -18.39 -18.09
CA TRP B 131 4.64 -19.60 -18.23
C TRP B 131 5.52 -19.57 -19.48
N GLU B 132 6.67 -20.24 -19.41
CA GLU B 132 7.69 -20.20 -20.44
C GLU B 132 8.06 -21.57 -20.99
N GLY B 133 7.38 -22.64 -20.58
CA GLY B 133 7.71 -23.96 -21.06
C GLY B 133 6.55 -24.90 -20.78
N ILE B 134 6.75 -26.17 -21.14
CA ILE B 134 5.69 -27.18 -21.01
C ILE B 134 6.33 -28.49 -20.51
N LEU B 135 5.63 -29.15 -19.59
CA LEU B 135 6.05 -30.40 -18.99
C LEU B 135 5.08 -31.46 -19.48
N GLY B 136 5.48 -32.20 -20.51
CA GLY B 136 4.62 -33.26 -20.98
C GLY B 136 4.70 -34.47 -20.07
N LEU B 137 3.60 -34.84 -19.44
CA LEU B 137 3.60 -35.91 -18.43
C LEU B 137 3.14 -37.27 -18.97
N ALA B 138 2.83 -37.39 -20.26
CA ALA B 138 2.37 -38.67 -20.79
C ALA B 138 3.57 -39.55 -21.16
N TYR B 139 3.32 -40.61 -21.91
CA TYR B 139 4.31 -41.66 -22.08
C TYR B 139 5.17 -41.47 -23.34
N ALA B 140 6.29 -42.20 -23.36
CA ALA B 140 7.29 -42.05 -24.43
C ALA B 140 6.70 -42.31 -25.81
N GLU B 141 5.69 -43.17 -25.92
CA GLU B 141 5.16 -43.55 -27.23
C GLU B 141 4.74 -42.34 -28.06
N ILE B 142 4.31 -41.25 -27.43
CA ILE B 142 3.96 -40.04 -28.19
C ILE B 142 5.01 -38.95 -28.05
N ALA B 143 6.19 -39.28 -27.56
CA ALA B 143 7.25 -38.28 -27.52
C ALA B 143 7.77 -38.03 -28.93
N ARG B 144 8.14 -36.74 -29.20
CA ARG B 144 8.86 -36.42 -30.43
C ARG B 144 10.34 -36.24 -30.11
N PRO B 145 11.26 -36.58 -31.04
CA PRO B 145 10.99 -37.10 -32.38
C PRO B 145 10.44 -38.53 -32.37
N ASP B 146 10.76 -39.31 -31.34
CA ASP B 146 10.30 -40.71 -31.27
C ASP B 146 10.36 -41.17 -29.81
N ASP B 147 9.92 -42.41 -29.59
CA ASP B 147 9.78 -42.88 -28.22
C ASP B 147 11.11 -43.16 -27.54
N SER B 148 12.25 -42.92 -28.19
CA SER B 148 13.52 -43.08 -27.49
C SER B 148 13.89 -41.83 -26.69
N LEU B 149 13.17 -40.73 -26.86
CA LEU B 149 13.41 -39.55 -26.04
C LEU B 149 12.62 -39.70 -24.74
N GLU B 150 13.31 -40.14 -23.70
CA GLU B 150 12.66 -40.41 -22.42
C GLU B 150 11.98 -39.18 -21.84
N PRO B 151 10.70 -39.25 -21.51
CA PRO B 151 10.00 -38.10 -20.91
C PRO B 151 10.47 -37.83 -19.50
N PHE B 152 10.19 -36.60 -19.05
CA PHE B 152 10.67 -36.13 -17.74
C PHE B 152 10.28 -37.06 -16.60
N PHE B 153 9.00 -37.44 -16.52
CA PHE B 153 8.57 -38.23 -15.36
C PHE B 153 9.24 -39.60 -15.33
N ASP B 154 9.46 -40.21 -16.50
CA ASP B 154 10.21 -41.45 -16.57
C ASP B 154 11.62 -41.26 -16.02
N SER B 155 12.27 -40.15 -16.37
CA SER B 155 13.60 -39.85 -15.84
C SER B 155 13.55 -39.67 -14.33
N LEU B 156 12.56 -38.92 -13.85
CA LEU B 156 12.41 -38.68 -12.42
C LEU B 156 12.30 -39.99 -11.66
N VAL B 157 11.42 -40.88 -12.12
CA VAL B 157 11.22 -42.16 -11.45
C VAL B 157 12.46 -43.04 -11.55
N LYS B 158 13.15 -43.00 -12.68
CA LYS B 158 14.30 -43.88 -12.86
C LYS B 158 15.46 -43.44 -11.98
N GLN B 159 15.68 -42.13 -11.86
CA GLN B 159 16.86 -41.60 -11.18
C GLN B 159 16.67 -41.40 -9.69
N THR B 160 15.43 -41.34 -9.18
CA THR B 160 15.17 -41.03 -7.79
C THR B 160 14.31 -42.12 -7.17
N HIS B 161 13.92 -41.91 -5.92
CA HIS B 161 13.02 -42.83 -5.23
C HIS B 161 11.56 -42.39 -5.29
N VAL B 162 11.24 -41.39 -6.09
CA VAL B 162 9.86 -40.92 -6.24
C VAL B 162 8.99 -42.05 -6.79
N PRO B 163 7.91 -42.43 -6.09
CA PRO B 163 7.02 -43.46 -6.62
C PRO B 163 6.43 -43.06 -7.96
N ASN B 164 6.05 -44.07 -8.74
CA ASN B 164 5.64 -43.89 -10.13
C ASN B 164 4.15 -43.51 -10.18
N LEU B 165 3.85 -42.32 -9.67
CA LEU B 165 2.50 -41.78 -9.80
C LEU B 165 2.53 -40.31 -9.44
N PHE B 166 1.52 -39.59 -9.93
CA PHE B 166 1.31 -38.20 -9.55
C PHE B 166 -0.18 -37.94 -9.58
N SER B 167 -0.62 -36.89 -8.91
CA SER B 167 -2.03 -36.55 -8.89
C SER B 167 -2.20 -35.04 -9.09
N LEU B 168 -3.32 -34.65 -9.67
CA LEU B 168 -3.57 -33.26 -10.03
C LEU B 168 -4.89 -32.81 -9.44
N GLN B 169 -4.87 -31.68 -8.73
CA GLN B 169 -6.10 -31.03 -8.29
C GLN B 169 -6.10 -29.67 -8.95
N LEU B 170 -6.89 -29.51 -10.01
CA LEU B 170 -6.99 -28.24 -10.73
C LEU B 170 -8.22 -27.49 -10.23
N CYS B 171 -8.01 -26.29 -9.69
CA CYS B 171 -9.11 -25.53 -9.14
C CYS B 171 -9.50 -24.42 -10.10
N GLY B 172 -10.80 -24.37 -10.44
CA GLY B 172 -11.31 -23.36 -11.33
C GLY B 172 -11.40 -21.98 -10.69
N ALA B 173 -12.43 -21.21 -11.03
CA ALA B 173 -12.59 -19.86 -10.49
C ALA B 173 -12.83 -19.85 -8.98
N SER B 185 -5.39 -16.06 -11.28
CA SER B 185 -6.79 -16.21 -10.92
C SER B 185 -7.17 -17.68 -10.78
N VAL B 186 -6.23 -18.58 -11.04
CA VAL B 186 -6.50 -20.01 -10.92
C VAL B 186 -5.34 -20.68 -10.20
N GLY B 187 -5.63 -21.79 -9.51
CA GLY B 187 -4.62 -22.48 -8.75
C GLY B 187 -4.87 -23.98 -8.67
N GLY B 188 -3.98 -24.68 -7.97
CA GLY B 188 -4.12 -26.11 -7.83
C GLY B 188 -2.88 -26.74 -7.23
N SER B 189 -2.87 -28.08 -7.24
CA SER B 189 -1.79 -28.87 -6.67
C SER B 189 -1.41 -29.98 -7.62
N MET B 190 -0.11 -30.18 -7.81
CA MET B 190 0.43 -31.37 -8.47
C MET B 190 1.25 -32.08 -7.40
N ILE B 191 0.70 -33.17 -6.90
CA ILE B 191 1.32 -33.99 -5.88
C ILE B 191 2.17 -35.02 -6.60
N ILE B 192 3.49 -34.86 -6.53
CA ILE B 192 4.40 -35.72 -7.27
C ILE B 192 4.77 -36.89 -6.37
N GLY B 193 4.43 -38.10 -6.80
CA GLY B 193 4.80 -39.29 -6.08
C GLY B 193 3.77 -39.79 -5.09
N GLY B 194 2.56 -39.23 -5.08
CA GLY B 194 1.60 -39.73 -4.12
C GLY B 194 0.24 -39.06 -4.23
N ILE B 195 -0.57 -39.35 -3.23
CA ILE B 195 -1.94 -38.88 -3.12
C ILE B 195 -2.04 -38.12 -1.78
N ASP B 196 -2.58 -36.90 -1.82
CA ASP B 196 -2.78 -36.09 -0.61
C ASP B 196 -4.27 -36.11 -0.24
N HIS B 197 -4.60 -36.75 0.89
CA HIS B 197 -6.00 -36.95 1.24
C HIS B 197 -6.72 -35.65 1.60
N SER B 198 -5.98 -34.56 1.87
CA SER B 198 -6.65 -33.29 2.13
C SER B 198 -7.30 -32.71 0.89
N LEU B 199 -6.99 -33.23 -0.29
CA LEU B 199 -7.44 -32.63 -1.53
C LEU B 199 -8.75 -33.19 -2.05
N TYR B 200 -9.34 -34.19 -1.39
CA TYR B 200 -10.57 -34.74 -1.93
C TYR B 200 -11.47 -35.25 -0.83
N THR B 201 -12.73 -35.44 -1.19
CA THR B 201 -13.73 -36.04 -0.32
C THR B 201 -14.28 -37.31 -0.96
N GLY B 202 -14.86 -38.17 -0.12
CA GLY B 202 -15.41 -39.38 -0.66
C GLY B 202 -14.32 -40.34 -1.10
N SER B 203 -14.70 -41.28 -1.95
CA SER B 203 -13.78 -42.33 -2.38
C SER B 203 -13.18 -42.04 -3.75
N LEU B 204 -12.00 -42.60 -3.98
CA LEU B 204 -11.39 -42.60 -5.30
C LEU B 204 -11.93 -43.76 -6.12
N TRP B 205 -12.34 -43.48 -7.36
CA TRP B 205 -12.80 -44.49 -8.31
C TRP B 205 -11.81 -44.54 -9.48
N TYR B 206 -11.41 -45.75 -9.89
CA TYR B 206 -10.34 -45.92 -10.87
C TYR B 206 -10.83 -46.51 -12.18
N THR B 207 -10.28 -45.99 -13.28
CA THR B 207 -10.53 -46.50 -14.62
C THR B 207 -9.21 -46.95 -15.23
N PRO B 208 -9.18 -48.05 -15.98
CA PRO B 208 -7.90 -48.51 -16.52
C PRO B 208 -7.32 -47.53 -17.53
N ILE B 209 -6.01 -47.40 -17.51
CA ILE B 209 -5.31 -46.74 -18.62
C ILE B 209 -5.29 -47.76 -19.75
N ARG B 210 -6.01 -47.48 -20.84
CA ARG B 210 -6.18 -48.49 -21.89
C ARG B 210 -4.84 -48.87 -22.50
N ARG B 211 -4.01 -47.88 -22.79
CA ARG B 211 -2.70 -48.09 -23.40
C ARG B 211 -1.85 -46.92 -22.95
N GLU B 212 -0.56 -47.18 -22.72
CA GLU B 212 0.36 -46.16 -22.22
C GLU B 212 0.91 -45.35 -23.39
N TRP B 213 0.16 -44.32 -23.80
CA TRP B 213 0.71 -43.40 -24.77
C TRP B 213 0.22 -42.01 -24.37
N TYR B 214 -0.98 -41.63 -24.81
CA TYR B 214 -1.74 -40.68 -24.04
C TYR B 214 -2.19 -41.36 -22.74
N TYR B 215 -2.77 -40.59 -21.83
CA TYR B 215 -3.52 -41.20 -20.72
C TYR B 215 -4.90 -41.53 -21.30
N GLU B 216 -4.97 -42.68 -21.99
CA GLU B 216 -6.17 -43.07 -22.71
C GLU B 216 -7.11 -43.84 -21.81
N VAL B 217 -8.39 -43.49 -21.83
CA VAL B 217 -9.40 -44.13 -21.03
C VAL B 217 -10.56 -44.52 -21.95
N ILE B 218 -11.51 -45.28 -21.42
CA ILE B 218 -12.67 -45.75 -22.18
C ILE B 218 -13.94 -45.24 -21.51
N ILE B 219 -14.71 -44.45 -22.25
CA ILE B 219 -16.04 -43.99 -21.83
C ILE B 219 -17.07 -45.00 -22.29
N VAL B 220 -17.92 -45.48 -21.35
CA VAL B 220 -18.86 -46.55 -21.67
C VAL B 220 -20.31 -46.08 -21.73
N ARG B 221 -20.61 -44.85 -21.31
CA ARG B 221 -21.96 -44.30 -21.34
C ARG B 221 -21.86 -42.81 -21.12
N VAL B 222 -22.79 -42.07 -21.71
CA VAL B 222 -22.93 -40.63 -21.48
C VAL B 222 -24.40 -40.34 -21.19
N GLU B 223 -24.65 -39.58 -20.12
CA GLU B 223 -25.99 -39.15 -19.77
C GLU B 223 -25.98 -37.64 -19.60
N ILE B 224 -27.03 -37.00 -20.08
CA ILE B 224 -27.23 -35.55 -19.93
C ILE B 224 -28.57 -35.36 -19.25
N ASN B 225 -28.57 -34.66 -18.12
CA ASN B 225 -29.78 -34.48 -17.32
C ASN B 225 -30.40 -35.82 -16.96
N GLY B 226 -29.56 -36.83 -16.75
CA GLY B 226 -30.03 -38.15 -16.41
C GLY B 226 -30.51 -38.98 -17.57
N GLN B 227 -30.47 -38.44 -18.78
CA GLN B 227 -30.96 -39.15 -19.95
C GLN B 227 -29.79 -39.68 -20.78
N ASP B 228 -29.84 -40.97 -21.09
CA ASP B 228 -28.79 -41.61 -21.88
C ASP B 228 -28.81 -41.06 -23.30
N LEU B 229 -27.62 -40.72 -23.81
CA LEU B 229 -27.49 -40.30 -25.21
C LEU B 229 -27.81 -41.41 -26.20
N LYS B 230 -27.76 -42.67 -25.75
CA LYS B 230 -28.16 -43.83 -26.55
C LYS B 230 -27.35 -43.97 -27.83
N MET B 231 -26.08 -43.57 -27.81
CA MET B 231 -25.21 -43.80 -28.96
C MET B 231 -24.45 -45.11 -28.81
N ASP B 232 -23.97 -45.63 -29.93
CA ASP B 232 -22.99 -46.71 -29.88
C ASP B 232 -21.78 -46.20 -29.08
N CYS B 233 -21.42 -46.92 -28.02
CA CYS B 233 -20.41 -46.38 -27.09
C CYS B 233 -19.05 -46.21 -27.75
N LYS B 234 -18.80 -46.86 -28.89
CA LYS B 234 -17.58 -46.58 -29.65
C LYS B 234 -17.51 -45.13 -30.08
N GLU B 235 -18.66 -44.50 -30.33
CA GLU B 235 -18.65 -43.10 -30.73
C GLU B 235 -18.05 -42.19 -29.66
N TYR B 236 -18.21 -42.54 -28.37
CA TYR B 236 -17.65 -41.73 -27.28
C TYR B 236 -16.14 -41.74 -27.29
N ASN B 237 -15.54 -42.79 -27.82
CA ASN B 237 -14.09 -42.92 -27.83
C ASN B 237 -13.58 -42.94 -29.27
N TYR B 238 -14.36 -42.33 -30.18
CA TYR B 238 -14.07 -42.44 -31.60
C TYR B 238 -12.77 -41.76 -31.90
N ASP B 239 -11.79 -42.62 -32.19
CA ASP B 239 -10.38 -42.38 -32.25
C ASP B 239 -9.80 -42.79 -30.89
N LYS B 240 -10.08 -42.01 -29.85
CA LYS B 240 -9.54 -42.24 -28.50
C LYS B 240 -10.24 -41.29 -27.53
N SER B 241 -10.05 -41.55 -26.24
CA SER B 241 -10.47 -40.65 -25.19
C SER B 241 -9.28 -40.46 -24.27
N ILE B 242 -8.92 -39.20 -23.98
CA ILE B 242 -7.72 -38.92 -23.21
C ILE B 242 -8.04 -37.93 -22.09
N VAL B 243 -7.19 -37.94 -21.07
CA VAL B 243 -7.24 -36.98 -19.97
C VAL B 243 -6.09 -36.01 -20.18
N ASP B 244 -6.41 -34.72 -20.29
CA ASP B 244 -5.40 -33.71 -20.66
C ASP B 244 -5.58 -32.44 -19.84
N SER B 245 -4.69 -32.25 -18.87
CA SER B 245 -4.64 -31.02 -18.06
C SER B 245 -4.29 -29.79 -18.89
N GLY B 246 -3.77 -29.96 -20.10
CA GLY B 246 -3.41 -28.86 -20.97
C GLY B 246 -4.49 -28.46 -21.96
N THR B 247 -5.68 -29.02 -21.85
CA THR B 247 -6.80 -28.60 -22.67
C THR B 247 -7.85 -27.96 -21.78
N THR B 248 -8.33 -26.79 -22.20
CA THR B 248 -9.35 -26.08 -21.41
C THR B 248 -10.69 -26.82 -21.47
N ASN B 249 -11.15 -27.16 -22.67
CA ASN B 249 -12.53 -27.60 -22.86
C ASN B 249 -12.70 -29.10 -22.63
N LEU B 250 -13.96 -29.50 -22.53
CA LEU B 250 -14.37 -30.87 -22.81
C LEU B 250 -14.52 -30.93 -24.32
N ARG B 251 -13.66 -31.67 -24.99
CA ARG B 251 -13.72 -31.78 -26.44
C ARG B 251 -14.30 -33.14 -26.80
N LEU B 252 -15.29 -33.15 -27.70
CA LEU B 252 -16.09 -34.33 -28.02
C LEU B 252 -16.07 -34.63 -29.51
N PRO B 253 -16.03 -35.92 -29.89
CA PRO B 253 -16.12 -36.26 -31.32
C PRO B 253 -17.39 -35.69 -31.94
N LYS B 254 -17.30 -35.42 -33.25
CA LYS B 254 -18.37 -34.73 -33.97
C LYS B 254 -19.77 -35.20 -33.62
N LYS B 255 -20.06 -36.49 -33.83
CA LYS B 255 -21.42 -36.99 -33.58
C LYS B 255 -21.83 -36.79 -32.13
N VAL B 256 -20.90 -37.02 -31.19
CA VAL B 256 -21.21 -36.88 -29.77
C VAL B 256 -21.45 -35.43 -29.40
N PHE B 257 -20.62 -34.52 -29.91
CA PHE B 257 -20.79 -33.10 -29.65
C PHE B 257 -22.17 -32.61 -30.10
N GLU B 258 -22.59 -32.98 -31.31
CA GLU B 258 -23.89 -32.53 -31.81
C GLU B 258 -25.01 -33.07 -30.94
N ALA B 259 -24.95 -34.37 -30.61
CA ALA B 259 -25.95 -34.94 -29.72
C ALA B 259 -25.94 -34.24 -28.35
N ALA B 260 -24.74 -33.94 -27.83
CA ALA B 260 -24.65 -33.29 -26.53
C ALA B 260 -25.24 -31.89 -26.56
N VAL B 261 -24.91 -31.12 -27.60
CA VAL B 261 -25.46 -29.77 -27.73
C VAL B 261 -26.99 -29.83 -27.86
N LYS B 262 -27.50 -30.77 -28.66
CA LYS B 262 -28.95 -30.91 -28.80
C LYS B 262 -29.61 -31.18 -27.45
N SER B 263 -28.99 -32.02 -26.61
CA SER B 263 -29.57 -32.31 -25.30
C SER B 263 -29.46 -31.12 -24.35
N ILE B 264 -28.32 -30.44 -24.37
CA ILE B 264 -28.13 -29.29 -23.48
C ILE B 264 -29.08 -28.16 -23.88
N LYS B 265 -29.33 -27.99 -25.18
CA LYS B 265 -30.31 -27.01 -25.65
C LYS B 265 -31.69 -27.32 -25.09
N ALA B 266 -32.18 -28.55 -25.30
CA ALA B 266 -33.51 -28.94 -24.84
C ALA B 266 -33.68 -28.72 -23.34
N ALA B 267 -32.63 -29.01 -22.56
CA ALA B 267 -32.74 -28.83 -21.11
C ALA B 267 -32.77 -27.35 -20.73
N SER B 268 -32.19 -26.48 -21.56
CA SER B 268 -32.17 -25.05 -21.32
C SER B 268 -33.12 -24.30 -22.26
N SER B 269 -34.13 -25.00 -22.77
CA SER B 269 -35.06 -24.41 -23.73
C SER B 269 -35.79 -23.20 -23.17
N THR B 270 -35.90 -23.09 -21.84
CA THR B 270 -36.56 -21.93 -21.25
C THR B 270 -35.96 -20.63 -21.73
N GLU B 271 -34.68 -20.64 -22.10
CA GLU B 271 -34.01 -19.50 -22.70
C GLU B 271 -33.48 -19.88 -24.07
N LYS B 272 -33.30 -18.87 -24.91
CA LYS B 272 -32.75 -19.04 -26.24
C LYS B 272 -31.36 -18.42 -26.27
N PHE B 273 -30.42 -19.10 -26.92
CA PHE B 273 -29.06 -18.62 -27.02
C PHE B 273 -28.63 -18.58 -28.48
N PRO B 274 -27.91 -17.53 -28.88
CA PRO B 274 -27.45 -17.43 -30.28
C PRO B 274 -26.61 -18.64 -30.67
N ASP B 275 -26.80 -19.09 -31.90
CA ASP B 275 -26.17 -20.33 -32.35
C ASP B 275 -24.65 -20.25 -32.26
N GLY B 276 -24.08 -19.05 -32.37
CA GLY B 276 -22.65 -18.87 -32.10
C GLY B 276 -22.22 -19.14 -30.67
N PHE B 277 -23.15 -19.10 -29.72
CA PHE B 277 -22.79 -19.43 -28.34
C PHE B 277 -22.34 -20.89 -28.24
N TRP B 278 -23.10 -21.79 -28.84
CA TRP B 278 -22.80 -23.22 -28.81
C TRP B 278 -21.54 -23.56 -29.59
N LEU B 279 -20.97 -22.61 -30.33
CA LEU B 279 -19.74 -22.83 -31.07
C LEU B 279 -18.52 -22.30 -30.33
N GLY B 280 -18.70 -21.79 -29.12
CA GLY B 280 -17.61 -21.21 -28.36
C GLY B 280 -17.18 -19.84 -28.83
N GLU B 281 -17.82 -19.29 -29.86
CA GLU B 281 -17.45 -17.99 -30.41
C GLU B 281 -18.13 -16.83 -29.71
N GLN B 282 -19.34 -17.01 -29.20
CA GLN B 282 -20.09 -15.93 -28.58
C GLN B 282 -20.40 -16.31 -27.14
N LEU B 283 -20.24 -15.35 -26.24
CA LEU B 283 -20.52 -15.58 -24.83
C LEU B 283 -21.83 -14.92 -24.42
N VAL B 284 -22.44 -15.47 -23.38
CA VAL B 284 -23.71 -14.99 -22.86
C VAL B 284 -23.47 -14.38 -21.49
N CYS B 285 -24.30 -13.42 -21.12
CA CYS B 285 -24.16 -12.71 -19.86
C CYS B 285 -25.49 -12.63 -19.13
N TRP B 286 -25.38 -12.35 -17.82
CA TRP B 286 -26.52 -12.23 -16.94
C TRP B 286 -26.13 -11.27 -15.82
N GLN B 287 -27.15 -10.67 -15.21
CA GLN B 287 -26.91 -9.75 -14.11
C GLN B 287 -26.13 -10.43 -13.00
N ALA B 288 -25.19 -9.68 -12.42
CA ALA B 288 -24.28 -10.18 -11.39
C ALA B 288 -24.99 -11.03 -10.34
N GLY B 289 -24.50 -12.26 -10.16
CA GLY B 289 -25.06 -13.15 -9.17
C GLY B 289 -26.43 -13.71 -9.51
N THR B 290 -26.84 -13.63 -10.78
CA THR B 290 -28.16 -14.11 -11.19
C THR B 290 -28.07 -15.21 -12.25
N THR B 291 -26.93 -15.87 -12.36
CA THR B 291 -26.76 -16.93 -13.37
C THR B 291 -27.80 -18.02 -13.17
N PRO B 292 -28.56 -18.39 -14.23
CA PRO B 292 -29.61 -19.41 -14.10
C PRO B 292 -29.05 -20.83 -14.21
N TRP B 293 -28.16 -21.18 -13.27
CA TRP B 293 -27.53 -22.50 -13.28
C TRP B 293 -28.55 -23.62 -13.40
N ASN B 294 -29.69 -23.47 -12.72
CA ASN B 294 -30.69 -24.53 -12.61
C ASN B 294 -31.21 -25.01 -13.96
N ILE B 295 -31.22 -24.15 -14.98
CA ILE B 295 -31.78 -24.56 -16.27
C ILE B 295 -30.78 -25.34 -17.11
N PHE B 296 -29.54 -25.45 -16.68
CA PHE B 296 -28.52 -26.21 -17.40
C PHE B 296 -28.33 -27.58 -16.78
N PRO B 297 -28.29 -28.63 -17.59
CA PRO B 297 -28.27 -29.99 -17.05
C PRO B 297 -26.87 -30.42 -16.60
N VAL B 298 -26.85 -31.46 -15.78
CA VAL B 298 -25.60 -32.11 -15.40
C VAL B 298 -25.21 -33.11 -16.48
N ILE B 299 -23.90 -33.34 -16.61
CA ILE B 299 -23.35 -34.28 -17.58
C ILE B 299 -22.64 -35.39 -16.82
N SER B 300 -22.96 -36.65 -17.14
CA SER B 300 -22.31 -37.79 -16.53
C SER B 300 -21.56 -38.61 -17.57
N LEU B 301 -20.26 -38.83 -17.34
CA LEU B 301 -19.47 -39.76 -18.14
C LEU B 301 -19.27 -41.03 -17.31
N TYR B 302 -19.71 -42.16 -17.85
CA TYR B 302 -19.44 -43.42 -17.20
C TYR B 302 -18.13 -43.95 -17.75
N LEU B 303 -17.23 -44.32 -16.86
CA LEU B 303 -15.91 -44.82 -17.22
C LEU B 303 -15.81 -46.29 -16.89
N MET B 304 -15.04 -47.02 -17.70
CA MET B 304 -14.75 -48.42 -17.41
C MET B 304 -14.13 -48.55 -16.02
N GLY B 305 -14.62 -49.50 -15.23
CA GLY B 305 -14.13 -49.72 -13.89
C GLY B 305 -13.00 -50.74 -13.80
N GLU B 306 -12.67 -51.11 -12.57
CA GLU B 306 -11.60 -52.06 -12.30
C GLU B 306 -12.03 -53.53 -12.25
N VAL B 307 -13.31 -53.84 -12.04
CA VAL B 307 -13.74 -55.25 -12.01
C VAL B 307 -14.74 -55.54 -13.15
N THR B 308 -14.95 -56.84 -13.41
CA THR B 308 -15.74 -57.29 -14.55
C THR B 308 -17.13 -56.65 -14.53
N ASN B 309 -17.54 -56.09 -15.68
CA ASN B 309 -18.88 -55.54 -15.88
C ASN B 309 -19.18 -54.41 -14.90
N GLN B 310 -18.16 -53.73 -14.35
CA GLN B 310 -18.37 -52.63 -13.41
C GLN B 310 -17.80 -51.34 -13.96
N SER B 311 -18.62 -50.30 -13.94
CA SER B 311 -18.25 -48.92 -14.28
C SER B 311 -18.49 -48.00 -13.09
N PHE B 312 -18.19 -46.73 -13.29
CA PHE B 312 -18.53 -45.69 -12.34
C PHE B 312 -18.77 -44.46 -13.17
N ARG B 313 -19.31 -43.41 -12.56
CA ARG B 313 -19.57 -42.19 -13.30
C ARG B 313 -19.01 -40.97 -12.57
N ILE B 314 -18.60 -39.99 -13.37
CA ILE B 314 -18.23 -38.66 -12.90
C ILE B 314 -19.25 -37.68 -13.47
N THR B 315 -19.78 -36.82 -12.62
CA THR B 315 -20.81 -35.88 -13.03
C THR B 315 -20.30 -34.45 -12.83
N ILE B 316 -20.43 -33.64 -13.87
CA ILE B 316 -20.00 -32.25 -13.84
C ILE B 316 -21.23 -31.36 -13.93
N LEU B 317 -21.17 -30.20 -13.25
CA LEU B 317 -22.20 -29.17 -13.19
C LEU B 317 -21.98 -28.12 -14.26
N PRO B 318 -23.00 -27.32 -14.60
CA PRO B 318 -22.78 -26.21 -15.53
C PRO B 318 -21.71 -25.26 -15.06
N GLN B 319 -21.46 -25.17 -13.75
CA GLN B 319 -20.33 -24.37 -13.28
C GLN B 319 -19.01 -24.87 -13.85
N GLN B 320 -18.96 -26.11 -14.33
CA GLN B 320 -17.75 -26.60 -14.96
C GLN B 320 -17.72 -26.34 -16.46
N TYR B 321 -18.81 -26.54 -17.19
CA TYR B 321 -18.72 -26.43 -18.63
C TYR B 321 -19.11 -25.05 -19.17
N LEU B 322 -19.41 -24.10 -18.28
CA LEU B 322 -19.63 -22.69 -18.63
C LEU B 322 -18.47 -21.91 -18.02
N ARG B 323 -17.46 -21.62 -18.82
CA ARG B 323 -16.24 -20.98 -18.31
C ARG B 323 -16.43 -19.47 -18.16
N PRO B 324 -16.10 -18.90 -17.00
CA PRO B 324 -16.28 -17.46 -16.81
C PRO B 324 -15.26 -16.66 -17.62
N VAL B 325 -15.72 -15.56 -18.21
CA VAL B 325 -14.86 -14.67 -18.99
C VAL B 325 -15.00 -13.26 -18.44
N GLU B 326 -13.86 -12.58 -18.27
CA GLU B 326 -13.85 -11.19 -17.81
C GLU B 326 -14.01 -10.25 -19.01
N ASP B 327 -15.19 -9.66 -19.16
CA ASP B 327 -15.39 -8.62 -20.17
C ASP B 327 -14.97 -7.29 -19.54
N VAL B 328 -13.88 -6.71 -20.04
CA VAL B 328 -13.36 -5.46 -19.48
C VAL B 328 -14.25 -4.30 -19.91
N ALA B 329 -15.35 -4.10 -19.19
CA ALA B 329 -16.29 -3.02 -19.51
C ALA B 329 -17.12 -2.72 -18.27
N THR B 330 -17.96 -1.68 -18.38
CA THR B 330 -18.86 -1.31 -17.29
C THR B 330 -19.94 -2.37 -17.08
N SER B 331 -20.10 -3.28 -18.03
CA SER B 331 -21.02 -4.40 -17.85
C SER B 331 -20.45 -5.28 -16.74
N GLN B 332 -21.03 -5.17 -15.54
CA GLN B 332 -20.60 -6.00 -14.44
C GLN B 332 -21.36 -7.32 -14.45
N ASP B 333 -22.10 -7.55 -15.52
CA ASP B 333 -22.82 -8.80 -15.71
C ASP B 333 -21.81 -9.95 -15.68
N ASP B 334 -22.29 -11.14 -15.34
CA ASP B 334 -21.44 -12.33 -15.33
C ASP B 334 -21.56 -13.02 -16.68
N CYS B 335 -20.46 -13.08 -17.41
CA CYS B 335 -20.43 -13.64 -18.74
C CYS B 335 -19.65 -14.96 -18.74
N TYR B 336 -20.08 -15.87 -19.61
CA TYR B 336 -19.55 -17.21 -19.66
C TYR B 336 -19.45 -17.67 -21.11
N LYS B 337 -18.50 -18.56 -21.37
CA LYS B 337 -18.36 -19.22 -22.66
C LYS B 337 -18.71 -20.70 -22.52
N PHE B 338 -19.35 -21.23 -23.55
CA PHE B 338 -19.62 -22.66 -23.61
C PHE B 338 -18.29 -23.38 -23.81
N ALA B 339 -17.84 -24.12 -22.81
CA ALA B 339 -16.53 -24.76 -22.85
C ALA B 339 -16.61 -26.23 -23.23
N ILE B 340 -17.58 -26.61 -24.05
CA ILE B 340 -17.67 -27.93 -24.65
C ILE B 340 -17.57 -27.70 -26.16
N SER B 341 -16.57 -28.30 -26.79
CA SER B 341 -16.33 -28.05 -28.21
C SER B 341 -16.08 -29.36 -28.94
N GLN B 342 -16.16 -29.31 -30.27
CA GLN B 342 -16.05 -30.53 -31.05
C GLN B 342 -14.62 -30.81 -31.44
N SER B 343 -14.33 -32.09 -31.59
CA SER B 343 -12.99 -32.60 -31.87
C SER B 343 -13.05 -33.53 -33.06
N SER B 344 -11.94 -33.62 -33.76
CA SER B 344 -11.78 -34.62 -34.80
C SER B 344 -10.71 -35.64 -34.42
N THR B 345 -10.20 -35.57 -33.19
CA THR B 345 -9.16 -36.49 -32.74
C THR B 345 -9.54 -37.16 -31.43
N GLY B 346 -10.83 -37.36 -31.19
CA GLY B 346 -11.34 -38.08 -30.03
C GLY B 346 -11.75 -37.15 -28.89
N THR B 347 -12.23 -37.80 -27.82
CA THR B 347 -12.62 -37.05 -26.63
C THR B 347 -11.38 -36.55 -25.93
N VAL B 348 -11.44 -35.31 -25.44
CA VAL B 348 -10.41 -34.79 -24.56
C VAL B 348 -11.09 -34.34 -23.29
N MET B 349 -10.77 -35.00 -22.19
CA MET B 349 -11.25 -34.60 -20.88
C MET B 349 -10.27 -33.56 -20.35
N GLY B 350 -10.56 -32.31 -20.67
CA GLY B 350 -9.72 -31.19 -20.28
C GLY B 350 -10.10 -30.64 -18.90
N ALA B 351 -9.73 -29.37 -18.69
CA ALA B 351 -9.97 -28.73 -17.40
C ALA B 351 -11.45 -28.72 -17.02
N VAL B 352 -12.34 -28.61 -18.01
CA VAL B 352 -13.78 -28.66 -17.73
C VAL B 352 -14.11 -29.91 -16.92
N ILE B 353 -13.45 -31.03 -17.22
CA ILE B 353 -13.65 -32.23 -16.43
C ILE B 353 -12.80 -32.18 -15.18
N MET B 354 -11.51 -31.88 -15.33
CA MET B 354 -10.58 -32.08 -14.22
C MET B 354 -10.86 -31.16 -13.05
N GLU B 355 -11.37 -29.94 -13.30
CA GLU B 355 -11.63 -28.99 -12.21
C GLU B 355 -12.67 -29.48 -11.23
N GLY B 356 -13.51 -30.44 -11.60
CA GLY B 356 -14.39 -30.92 -10.55
C GLY B 356 -13.80 -32.02 -9.69
N PHE B 357 -12.61 -32.52 -10.05
CA PHE B 357 -12.11 -33.74 -9.43
C PHE B 357 -10.65 -33.67 -9.02
N TYR B 358 -10.30 -34.53 -8.10
CA TYR B 358 -8.91 -34.85 -7.83
C TYR B 358 -8.59 -36.07 -8.67
N VAL B 359 -7.59 -35.94 -9.56
CA VAL B 359 -7.32 -36.96 -10.58
C VAL B 359 -5.95 -37.56 -10.30
N VAL B 360 -5.92 -38.88 -10.10
CA VAL B 360 -4.71 -39.60 -9.73
C VAL B 360 -4.19 -40.34 -10.95
N PHE B 361 -2.97 -40.01 -11.37
CA PHE B 361 -2.33 -40.68 -12.51
C PHE B 361 -1.43 -41.77 -11.94
N ASP B 362 -2.05 -42.92 -11.66
CA ASP B 362 -1.40 -44.05 -10.99
C ASP B 362 -0.73 -44.89 -12.05
N ARG B 363 0.40 -44.37 -12.54
CA ARG B 363 1.13 -45.08 -13.60
C ARG B 363 1.53 -46.47 -13.15
N ALA B 364 1.93 -46.62 -11.89
CA ALA B 364 2.41 -47.92 -11.41
C ALA B 364 1.35 -49.00 -11.55
N ARG B 365 0.08 -48.67 -11.35
CA ARG B 365 -0.99 -49.67 -11.48
C ARG B 365 -1.83 -49.46 -12.75
N LYS B 366 -1.34 -48.64 -13.69
CA LYS B 366 -1.95 -48.44 -15.00
C LYS B 366 -3.44 -48.08 -14.87
N ARG B 367 -3.72 -47.05 -14.08
CA ARG B 367 -5.10 -46.63 -13.86
C ARG B 367 -5.12 -45.15 -13.50
N ILE B 368 -6.27 -44.53 -13.74
CA ILE B 368 -6.51 -43.14 -13.42
C ILE B 368 -7.62 -43.11 -12.39
N GLY B 369 -7.42 -42.43 -11.27
CA GLY B 369 -8.43 -42.34 -10.23
C GLY B 369 -9.11 -40.99 -10.23
N PHE B 370 -10.40 -40.99 -9.87
CA PHE B 370 -11.18 -39.77 -9.76
C PHE B 370 -11.85 -39.71 -8.39
N ALA B 371 -11.78 -38.55 -7.74
CA ALA B 371 -12.53 -38.29 -6.52
C ALA B 371 -13.02 -36.85 -6.57
N VAL B 372 -14.12 -36.59 -5.86
CA VAL B 372 -14.63 -35.23 -5.79
C VAL B 372 -13.57 -34.32 -5.19
N SER B 373 -13.29 -33.23 -5.89
CA SER B 373 -12.27 -32.29 -5.44
C SER B 373 -12.80 -31.44 -4.29
N ALA B 374 -11.92 -31.20 -3.31
CA ALA B 374 -12.28 -30.26 -2.24
C ALA B 374 -12.42 -28.83 -2.74
N CYS B 375 -11.81 -28.48 -3.88
CA CYS B 375 -11.99 -27.14 -4.40
C CYS B 375 -12.82 -27.08 -5.69
N HIS B 376 -13.95 -27.78 -5.78
CA HIS B 376 -14.70 -27.68 -7.02
C HIS B 376 -15.85 -26.70 -6.83
N VAL B 377 -16.17 -25.97 -7.91
CA VAL B 377 -17.18 -24.92 -7.87
C VAL B 377 -18.56 -25.56 -7.97
N HIS B 378 -19.34 -25.46 -6.90
CA HIS B 378 -20.69 -26.00 -6.83
C HIS B 378 -21.62 -25.01 -6.14
N ASP B 379 -22.88 -25.02 -6.55
CA ASP B 379 -23.89 -24.20 -5.89
C ASP B 379 -24.43 -24.93 -4.66
N GLU B 380 -25.56 -24.48 -4.14
CA GLU B 380 -26.16 -25.08 -2.96
C GLU B 380 -27.20 -26.15 -3.31
N PHE B 381 -27.52 -26.34 -4.60
CA PHE B 381 -28.51 -27.34 -4.99
C PHE B 381 -27.90 -28.60 -5.62
N ARG B 382 -26.78 -28.50 -6.32
CA ARG B 382 -26.16 -29.66 -6.94
C ARG B 382 -24.65 -29.65 -6.68
N THR B 383 -24.04 -30.83 -6.80
CA THR B 383 -22.62 -30.99 -6.55
C THR B 383 -22.03 -31.94 -7.57
N ALA B 384 -20.80 -31.68 -7.98
CA ALA B 384 -20.08 -32.67 -8.78
C ALA B 384 -19.95 -33.96 -8.00
N ALA B 385 -19.88 -35.08 -8.73
CA ALA B 385 -19.96 -36.37 -8.04
C ALA B 385 -19.12 -37.41 -8.76
N VAL B 386 -18.68 -38.39 -7.99
CA VAL B 386 -18.01 -39.60 -8.50
C VAL B 386 -18.74 -40.74 -7.81
N GLU B 387 -19.44 -41.56 -8.59
CA GLU B 387 -20.39 -42.50 -8.02
C GLU B 387 -20.20 -43.87 -8.66
N GLY B 388 -20.35 -44.92 -7.84
CA GLY B 388 -20.27 -46.28 -8.31
C GLY B 388 -20.67 -47.20 -7.17
N PRO B 389 -20.71 -48.52 -7.42
CA PRO B 389 -20.43 -49.10 -8.72
C PRO B 389 -21.68 -49.09 -9.57
N PHE B 390 -21.50 -49.18 -10.88
CA PHE B 390 -22.57 -49.39 -11.83
C PHE B 390 -22.22 -50.64 -12.63
N VAL B 391 -23.24 -51.24 -13.24
CA VAL B 391 -23.05 -52.42 -14.10
C VAL B 391 -23.15 -51.98 -15.55
N THR B 392 -22.17 -52.40 -16.35
CA THR B 392 -22.15 -52.13 -17.79
C THR B 392 -21.56 -53.37 -18.44
N LEU B 393 -22.26 -53.90 -19.44
CA LEU B 393 -21.76 -55.08 -20.15
C LEU B 393 -20.88 -54.66 -21.33
N ASP B 394 -20.04 -55.61 -21.78
CA ASP B 394 -19.22 -55.44 -22.98
C ASP B 394 -18.43 -54.13 -22.99
N MET B 395 -17.87 -53.75 -21.85
CA MET B 395 -17.19 -52.45 -21.80
C MET B 395 -16.01 -52.39 -22.75
N GLU B 396 -15.36 -53.52 -22.97
CA GLU B 396 -14.18 -53.54 -23.84
C GLU B 396 -14.54 -53.10 -25.26
N ASP B 397 -15.76 -53.40 -25.71
CA ASP B 397 -16.19 -53.05 -27.06
C ASP B 397 -16.39 -51.56 -27.24
N CYS B 398 -16.40 -50.78 -26.16
CA CYS B 398 -16.53 -49.35 -26.30
C CYS B 398 -15.23 -48.74 -26.80
N GLY B 399 -14.12 -49.47 -26.67
CA GLY B 399 -12.86 -48.98 -27.19
C GLY B 399 -12.82 -49.09 -28.70
N TYR B 400 -12.31 -48.05 -29.35
CA TYR B 400 -12.20 -48.01 -30.79
C TYR B 400 -10.87 -48.60 -31.25
N ASN B 401 -10.88 -49.28 -32.40
CA ASN B 401 -9.67 -49.88 -32.94
C ASN B 401 -9.47 -49.52 -34.42
N ILE B 402 -9.58 -50.52 -35.30
CA ILE B 402 -9.25 -50.40 -36.74
C ILE B 402 -9.44 -49.00 -37.32
N SER C 14 -2.37 43.47 -17.66
CA SER C 14 -1.10 42.97 -18.17
C SER C 14 0.03 43.09 -17.14
N PHE C 15 0.39 41.95 -16.56
CA PHE C 15 1.30 41.91 -15.42
C PHE C 15 2.75 41.54 -15.75
N VAL C 16 3.06 41.11 -16.99
CA VAL C 16 4.44 40.76 -17.34
C VAL C 16 5.39 41.91 -17.07
N GLU C 17 4.92 43.15 -17.23
CA GLU C 17 5.76 44.32 -16.99
C GLU C 17 6.20 44.43 -15.54
N MET C 18 5.54 43.71 -14.64
CA MET C 18 5.89 43.78 -13.22
C MET C 18 6.66 42.57 -12.71
N VAL C 19 6.75 41.49 -13.48
CA VAL C 19 7.54 40.35 -13.07
C VAL C 19 8.98 40.79 -12.87
N ASP C 20 9.62 40.29 -11.81
CA ASP C 20 11.05 40.53 -11.56
C ASP C 20 11.35 41.98 -11.23
N ASN C 21 10.39 42.72 -10.68
CA ASN C 21 10.63 44.12 -10.36
C ASN C 21 11.17 44.35 -8.94
N LEU C 22 11.47 43.30 -8.20
CA LEU C 22 12.05 43.41 -6.87
C LEU C 22 13.49 42.96 -6.87
N ARG C 23 14.31 43.65 -6.10
CA ARG C 23 15.72 43.31 -5.91
C ARG C 23 16.06 43.48 -4.44
N GLY C 24 17.21 42.95 -4.05
CA GLY C 24 17.68 43.16 -2.70
C GLY C 24 18.88 42.28 -2.41
N LYS C 25 19.39 42.45 -1.19
CA LYS C 25 20.43 41.60 -0.66
C LYS C 25 19.82 40.77 0.47
N SER C 26 20.17 39.49 0.49
CA SER C 26 19.65 38.54 1.46
C SER C 26 19.76 39.10 2.88
N GLY C 27 18.64 39.10 3.59
CA GLY C 27 18.56 39.59 4.94
C GLY C 27 18.49 41.11 5.07
N GLN C 28 18.46 41.85 3.97
CA GLN C 28 18.41 43.31 4.04
C GLN C 28 17.18 43.90 3.34
N GLY C 29 16.19 43.07 3.03
CA GLY C 29 14.92 43.53 2.49
C GLY C 29 14.85 43.55 0.97
N TYR C 30 13.62 43.47 0.47
CA TYR C 30 13.32 43.55 -0.96
C TYR C 30 12.84 44.95 -1.27
N TYR C 31 13.30 45.50 -2.38
CA TYR C 31 12.91 46.86 -2.72
C TYR C 31 12.41 46.94 -4.15
N VAL C 32 11.55 47.92 -4.38
CA VAL C 32 11.02 48.22 -5.70
C VAL C 32 11.48 49.62 -6.06
N GLU C 33 11.74 49.85 -7.34
CA GLU C 33 12.11 51.18 -7.77
C GLU C 33 10.86 52.05 -7.89
N MET C 34 10.96 53.28 -7.37
CA MET C 34 9.87 54.26 -7.46
C MET C 34 10.47 55.60 -7.84
N THR C 35 9.60 56.52 -8.25
CA THR C 35 10.00 57.91 -8.44
C THR C 35 9.08 58.80 -7.63
N VAL C 36 9.65 59.84 -7.02
CA VAL C 36 8.87 60.84 -6.28
C VAL C 36 9.25 62.22 -6.82
N GLY C 37 8.25 63.10 -6.92
CA GLY C 37 8.47 64.49 -7.24
C GLY C 37 8.49 64.81 -8.73
N SER C 38 8.49 66.10 -9.02
CA SER C 38 8.49 66.62 -10.39
C SER C 38 9.62 67.63 -10.48
N PRO C 39 10.68 67.38 -11.28
CA PRO C 39 10.89 66.16 -12.08
C PRO C 39 11.16 64.92 -11.21
N PRO C 40 10.84 63.73 -11.74
CA PRO C 40 10.92 62.50 -10.93
C PRO C 40 12.30 62.24 -10.35
N GLN C 41 12.34 61.94 -9.06
CA GLN C 41 13.56 61.51 -8.38
C GLN C 41 13.48 60.00 -8.14
N THR C 42 14.46 59.25 -8.66
CA THR C 42 14.45 57.80 -8.57
C THR C 42 14.98 57.32 -7.22
N LEU C 43 14.24 56.42 -6.58
CA LEU C 43 14.64 55.86 -5.29
C LEU C 43 14.23 54.40 -5.23
N ASN C 44 15.03 53.58 -4.55
CA ASN C 44 14.68 52.20 -4.26
C ASN C 44 13.97 52.15 -2.91
N ILE C 45 12.79 51.54 -2.90
CA ILE C 45 11.86 51.59 -1.78
C ILE C 45 11.58 50.18 -1.30
N LEU C 46 11.83 49.94 -0.02
CA LEU C 46 11.62 48.63 0.59
C LEU C 46 10.13 48.31 0.70
N VAL C 47 9.75 47.11 0.31
CA VAL C 47 8.36 46.71 0.32
C VAL C 47 8.07 46.01 1.66
N ASP C 48 7.22 46.66 2.46
CA ASP C 48 6.97 46.29 3.86
C ASP C 48 5.47 46.11 4.11
N THR C 49 4.99 44.88 4.07
CA THR C 49 3.59 44.65 4.44
C THR C 49 3.36 44.69 5.94
N GLY C 50 4.43 44.90 6.75
CA GLY C 50 4.26 45.02 8.19
C GLY C 50 4.03 46.42 8.75
N SER C 51 3.88 47.42 7.89
CA SER C 51 3.65 48.79 8.36
C SER C 51 2.84 49.53 7.30
N SER C 52 2.53 50.79 7.57
CA SER C 52 1.60 51.49 6.68
C SER C 52 2.05 52.90 6.33
N ASN C 53 3.29 53.27 6.62
CA ASN C 53 3.82 54.59 6.27
C ASN C 53 4.75 54.50 5.06
N PHE C 54 4.57 55.43 4.13
CA PHE C 54 5.48 55.59 3.03
C PHE C 54 6.45 56.69 3.42
N ALA C 55 7.74 56.34 3.53
CA ALA C 55 8.74 57.30 3.99
C ALA C 55 10.04 57.08 3.23
N VAL C 56 10.76 58.17 3.03
CA VAL C 56 11.99 58.15 2.25
C VAL C 56 13.06 58.99 2.97
N GLY C 57 14.30 58.54 2.86
CA GLY C 57 15.41 59.36 3.35
C GLY C 57 15.36 60.71 2.67
N ALA C 58 15.47 61.79 3.45
CA ALA C 58 15.34 63.13 2.89
C ALA C 58 16.48 64.04 3.34
N ALA C 59 17.54 63.48 3.89
CA ALA C 59 18.71 64.20 4.36
C ALA C 59 19.87 63.23 4.26
N PRO C 60 21.11 63.72 4.13
CA PRO C 60 22.27 62.82 4.05
C PRO C 60 22.33 61.84 5.21
N HIS C 61 22.95 60.69 4.94
CA HIS C 61 23.10 59.64 5.94
C HIS C 61 24.25 58.79 5.45
N PRO C 62 25.10 58.29 6.37
CA PRO C 62 26.24 57.47 5.93
C PRO C 62 25.85 56.29 5.06
N PHE C 63 24.66 55.75 5.24
CA PHE C 63 24.26 54.56 4.49
C PHE C 63 23.43 54.88 3.25
N LEU C 64 23.09 56.15 3.01
CA LEU C 64 22.26 56.52 1.87
C LEU C 64 23.12 57.01 0.71
N HIS C 65 22.95 56.41 -0.46
CA HIS C 65 23.61 56.86 -1.68
C HIS C 65 22.89 58.04 -2.32
N ARG C 66 21.61 58.21 -2.01
CA ARG C 66 20.79 59.28 -2.55
C ARG C 66 19.61 59.48 -1.61
N TYR C 67 18.92 60.60 -1.77
CA TYR C 67 17.78 60.85 -0.91
C TYR C 67 16.83 61.83 -1.59
N TYR C 68 15.62 61.90 -1.05
CA TYR C 68 14.59 62.79 -1.56
C TYR C 68 14.92 64.24 -1.25
N GLN C 69 14.91 65.10 -2.26
CA GLN C 69 15.21 66.53 -2.09
C GLN C 69 13.93 67.31 -2.39
N ARG C 70 13.19 67.64 -1.33
CA ARG C 70 11.90 68.31 -1.49
C ARG C 70 12.07 69.65 -2.19
N GLN C 71 13.19 70.33 -1.93
CA GLN C 71 13.44 71.64 -2.53
C GLN C 71 13.47 71.57 -4.05
N LEU C 72 13.77 70.40 -4.62
CA LEU C 72 13.86 70.24 -6.08
C LEU C 72 12.58 69.78 -6.75
N SER C 73 11.48 69.63 -6.01
CA SER C 73 10.23 69.13 -6.58
C SER C 73 9.18 70.22 -6.58
N SER C 74 8.67 70.56 -7.76
CA SER C 74 7.65 71.60 -7.87
C SER C 74 6.27 71.15 -7.42
N THR C 75 6.05 69.83 -7.28
CA THR C 75 4.77 69.31 -6.83
C THR C 75 4.77 68.98 -5.34
N TYR C 76 5.90 69.11 -4.66
CA TYR C 76 5.94 68.86 -3.22
C TYR C 76 5.05 69.84 -2.48
N ARG C 77 4.31 69.32 -1.49
CA ARG C 77 3.51 70.14 -0.61
C ARG C 77 3.82 69.74 0.82
N ASP C 78 4.14 70.73 1.65
CA ASP C 78 4.42 70.48 3.05
C ASP C 78 3.10 70.31 3.79
N LEU C 79 3.06 69.33 4.70
CA LEU C 79 1.89 69.15 5.57
C LEU C 79 2.11 69.76 6.94
N ARG C 80 3.31 70.23 7.25
CA ARG C 80 3.62 70.92 8.51
C ARG C 80 3.28 70.06 9.72
N LYS C 81 3.70 68.80 9.67
CA LYS C 81 3.44 67.89 10.78
C LYS C 81 4.59 66.89 10.86
N GLY C 82 5.08 66.69 12.07
CA GLY C 82 6.12 65.71 12.28
C GLY C 82 5.53 64.33 12.49
N VAL C 83 6.39 63.32 12.37
CA VAL C 83 5.94 61.95 12.51
C VAL C 83 7.11 61.10 12.97
N TYR C 84 6.80 60.11 13.79
CA TYR C 84 7.77 59.17 14.32
C TYR C 84 7.20 57.79 14.11
N VAL C 85 8.03 56.86 13.61
CA VAL C 85 7.61 55.49 13.41
C VAL C 85 8.62 54.53 14.02
N PRO C 86 8.24 53.74 15.01
CA PRO C 86 9.14 52.70 15.53
C PRO C 86 8.78 51.34 14.96
N TYR C 87 9.78 50.55 14.63
CA TYR C 87 9.59 49.18 14.16
C TYR C 87 10.13 48.22 15.21
N THR C 88 9.95 46.92 14.95
CA THR C 88 10.56 45.91 15.82
C THR C 88 12.04 46.21 16.02
N GLN C 89 12.74 46.55 14.95
CA GLN C 89 14.13 46.98 15.01
C GLN C 89 14.30 48.18 14.09
N GLY C 90 14.72 49.30 14.64
CA GLY C 90 14.88 50.52 13.88
C GLY C 90 13.71 51.49 14.08
N LYS C 91 13.99 52.78 13.85
CA LYS C 91 12.99 53.82 13.98
C LYS C 91 13.49 55.06 13.23
N TRP C 92 12.55 55.94 12.88
CA TRP C 92 12.91 57.19 12.23
C TRP C 92 11.89 58.28 12.57
N GLU C 93 12.27 59.52 12.31
CA GLU C 93 11.39 60.66 12.43
C GLU C 93 11.50 61.49 11.17
N GLY C 94 10.42 62.19 10.86
CA GLY C 94 10.47 63.00 9.66
C GLY C 94 9.33 63.99 9.57
N GLU C 95 9.22 64.60 8.40
CA GLU C 95 8.26 65.66 8.13
C GLU C 95 7.27 65.19 7.08
N LEU C 96 5.99 65.33 7.38
CA LEU C 96 4.98 64.85 6.45
C LEU C 96 4.76 65.85 5.32
N GLY C 97 4.39 65.31 4.17
CA GLY C 97 4.06 66.11 3.00
C GLY C 97 3.46 65.20 1.97
N THR C 98 3.09 65.80 0.84
CA THR C 98 2.57 65.02 -0.28
C THR C 98 3.35 65.36 -1.54
N ASP C 99 3.34 64.44 -2.49
CA ASP C 99 4.03 64.63 -3.76
C ASP C 99 3.56 63.56 -4.73
N LEU C 100 3.95 63.74 -5.99
CA LEU C 100 3.61 62.79 -7.05
C LEU C 100 4.57 61.62 -7.02
N VAL C 101 4.00 60.41 -7.14
CA VAL C 101 4.73 59.17 -7.01
C VAL C 101 4.34 58.25 -8.16
N SER C 102 5.32 57.53 -8.70
CA SER C 102 5.09 56.53 -9.73
C SER C 102 5.97 55.33 -9.47
N ILE C 103 5.65 54.23 -10.14
CA ILE C 103 6.39 52.97 -10.04
C ILE C 103 6.77 52.57 -11.45
N PRO C 104 8.02 52.83 -11.88
CA PRO C 104 8.41 52.52 -13.26
C PRO C 104 8.06 51.12 -13.73
N HIS C 105 8.39 50.09 -12.95
CA HIS C 105 8.03 48.72 -13.31
C HIS C 105 6.75 48.28 -12.63
N GLY C 106 5.72 49.11 -12.72
CA GLY C 106 4.43 48.83 -12.17
C GLY C 106 3.39 49.39 -13.11
N PRO C 107 2.19 49.65 -12.61
CA PRO C 107 1.17 50.27 -13.47
C PRO C 107 1.58 51.66 -13.92
N ASN C 108 1.15 52.02 -15.12
CA ASN C 108 1.48 53.31 -15.74
C ASN C 108 0.55 54.38 -15.19
N VAL C 109 0.80 54.80 -13.96
CA VAL C 109 -0.03 55.79 -13.30
C VAL C 109 0.84 56.65 -12.40
N THR C 110 0.29 57.79 -12.01
CA THR C 110 0.94 58.71 -11.09
C THR C 110 -0.08 59.09 -10.03
N VAL C 111 0.31 59.04 -8.77
CA VAL C 111 -0.61 59.34 -7.69
C VAL C 111 0.00 60.37 -6.76
N ARG C 112 -0.87 61.18 -6.15
CA ARG C 112 -0.43 62.06 -5.09
C ARG C 112 -0.60 61.30 -3.78
N ALA C 113 0.50 61.12 -3.06
CA ALA C 113 0.52 60.26 -1.89
C ALA C 113 1.17 60.98 -0.74
N ASN C 114 0.84 60.52 0.46
CA ASN C 114 1.54 60.99 1.65
C ASN C 114 2.95 60.44 1.65
N ILE C 115 3.91 61.30 2.00
CA ILE C 115 5.31 60.92 2.07
C ILE C 115 5.89 61.49 3.34
N ALA C 116 6.55 60.66 4.13
CA ALA C 116 7.28 61.14 5.29
C ALA C 116 8.72 61.34 4.87
N ALA C 117 9.21 62.58 5.01
CA ALA C 117 10.59 62.91 4.68
C ALA C 117 11.44 62.62 5.91
N ILE C 118 12.20 61.53 5.86
CA ILE C 118 12.98 61.09 7.02
C ILE C 118 14.15 62.04 7.23
N THR C 119 14.17 62.69 8.39
CA THR C 119 15.26 63.60 8.74
C THR C 119 16.21 63.04 9.77
N GLU C 120 15.79 62.06 10.56
CA GLU C 120 16.69 61.40 11.50
C GLU C 120 16.21 59.98 11.69
N SER C 121 17.16 59.08 11.96
CA SER C 121 16.82 57.67 12.06
C SER C 121 17.82 56.99 12.97
N ASP C 122 17.46 55.78 13.39
CA ASP C 122 18.31 55.01 14.29
C ASP C 122 18.09 53.53 13.98
N LYS C 123 19.15 52.87 13.51
CA LYS C 123 19.12 51.43 13.18
C LYS C 123 18.02 51.08 12.17
N PHE C 124 17.67 52.03 11.31
CA PHE C 124 16.67 51.81 10.26
C PHE C 124 17.33 51.49 8.92
N PHE C 125 18.10 52.43 8.39
CA PHE C 125 18.84 52.21 7.14
C PHE C 125 19.93 51.18 7.35
N ILE C 126 20.19 50.40 6.30
CA ILE C 126 21.13 49.28 6.36
C ILE C 126 22.29 49.55 5.41
N ASN C 127 23.51 49.42 5.93
CA ASN C 127 24.70 49.69 5.13
C ASN C 127 24.79 48.74 3.94
N GLY C 128 24.80 49.31 2.74
CA GLY C 128 24.92 48.55 1.51
C GLY C 128 23.66 47.85 1.04
N SER C 129 22.50 48.19 1.61
CA SER C 129 21.26 47.52 1.23
C SER C 129 20.73 47.99 -0.11
N ASN C 130 21.10 49.21 -0.52
CA ASN C 130 20.74 49.81 -1.80
C ASN C 130 19.30 50.33 -1.83
N TRP C 131 18.61 50.40 -0.69
CA TRP C 131 17.31 51.05 -0.64
C TRP C 131 17.37 52.27 0.26
N GLU C 132 16.52 53.25 -0.05
CA GLU C 132 16.53 54.54 0.62
C GLU C 132 15.20 54.94 1.24
N GLY C 133 14.19 54.08 1.19
CA GLY C 133 12.88 54.41 1.71
C GLY C 133 12.09 53.14 1.95
N ILE C 134 10.86 53.29 2.42
CA ILE C 134 10.04 52.15 2.81
C ILE C 134 8.60 52.40 2.36
N LEU C 135 7.97 51.37 1.81
CA LEU C 135 6.60 51.41 1.36
C LEU C 135 5.80 50.51 2.30
N GLY C 136 5.12 51.13 3.26
CA GLY C 136 4.25 50.38 4.14
C GLY C 136 2.94 50.04 3.44
N LEU C 137 2.70 48.75 3.23
CA LEU C 137 1.55 48.30 2.44
C LEU C 137 0.36 47.87 3.29
N ALA C 138 0.44 47.96 4.61
CA ALA C 138 -0.67 47.56 5.47
C ALA C 138 -1.68 48.71 5.58
N TYR C 139 -2.62 48.62 6.54
CA TYR C 139 -3.78 49.50 6.56
C TYR C 139 -3.60 50.74 7.46
N ALA C 140 -4.48 51.72 7.23
CA ALA C 140 -4.41 53.02 7.92
C ALA C 140 -4.44 52.88 9.43
N GLU C 141 -5.07 51.83 9.95
CA GLU C 141 -5.21 51.71 11.40
C GLU C 141 -3.87 51.77 12.13
N ILE C 142 -2.78 51.31 11.51
CA ILE C 142 -1.48 51.36 12.16
C ILE C 142 -0.56 52.41 11.56
N ALA C 143 -1.09 53.34 10.76
CA ALA C 143 -0.25 54.42 10.27
C ALA C 143 0.04 55.41 11.39
N ARG C 144 1.24 55.99 11.35
CA ARG C 144 1.56 57.09 12.25
C ARG C 144 1.48 58.41 11.47
N PRO C 145 1.10 59.55 12.10
CA PRO C 145 0.77 59.77 13.51
C PRO C 145 -0.53 59.10 13.94
N ASP C 146 -1.49 58.94 13.03
CA ASP C 146 -2.80 58.36 13.36
C ASP C 146 -3.41 57.82 12.07
N ASP C 147 -4.59 57.18 12.20
CA ASP C 147 -5.16 56.50 11.03
C ASP C 147 -5.76 57.45 10.00
N SER C 148 -5.67 58.77 10.19
CA SER C 148 -6.15 59.65 9.12
C SER C 148 -5.08 59.86 8.04
N LEU C 149 -3.85 59.40 8.23
CA LEU C 149 -2.83 59.52 7.19
C LEU C 149 -2.98 58.37 6.21
N GLU C 150 -3.62 58.64 5.07
CA GLU C 150 -3.91 57.61 4.10
C GLU C 150 -2.64 56.92 3.60
N PRO C 151 -2.55 55.60 3.70
CA PRO C 151 -1.37 54.89 3.20
C PRO C 151 -1.31 54.92 1.68
N PHE C 152 -0.11 54.66 1.14
CA PHE C 152 0.12 54.74 -0.30
C PHE C 152 -0.88 53.90 -1.10
N PHE C 153 -1.02 52.60 -0.76
CA PHE C 153 -1.84 51.74 -1.60
C PHE C 153 -3.29 52.21 -1.62
N ASP C 154 -3.79 52.72 -0.50
CA ASP C 154 -5.13 53.28 -0.49
C ASP C 154 -5.25 54.44 -1.47
N SER C 155 -4.26 55.34 -1.48
CA SER C 155 -4.25 56.44 -2.43
C SER C 155 -4.24 55.93 -3.87
N LEU C 156 -3.38 54.93 -4.13
CA LEU C 156 -3.28 54.36 -5.46
C LEU C 156 -4.64 53.83 -5.95
N VAL C 157 -5.29 53.02 -5.11
CA VAL C 157 -6.57 52.44 -5.51
C VAL C 157 -7.62 53.52 -5.67
N LYS C 158 -7.59 54.54 -4.81
CA LYS C 158 -8.63 55.56 -4.86
C LYS C 158 -8.47 56.48 -6.07
N GLN C 159 -7.24 56.82 -6.44
CA GLN C 159 -7.01 57.77 -7.52
C GLN C 159 -6.94 57.12 -8.89
N THR C 160 -6.71 55.81 -8.99
CA THR C 160 -6.57 55.16 -10.28
C THR C 160 -7.54 54.00 -10.38
N HIS C 161 -7.43 53.26 -11.49
CA HIS C 161 -8.24 52.07 -11.68
C HIS C 161 -7.50 50.79 -11.31
N VAL C 162 -6.35 50.88 -10.65
CA VAL C 162 -5.65 49.69 -10.18
C VAL C 162 -6.56 48.94 -9.22
N PRO C 163 -6.85 47.65 -9.47
CA PRO C 163 -7.68 46.88 -8.54
C PRO C 163 -7.02 46.78 -7.17
N ASN C 164 -7.87 46.59 -6.16
CA ASN C 164 -7.46 46.65 -4.75
C ASN C 164 -6.88 45.30 -4.31
N LEU C 165 -5.72 44.98 -4.87
CA LEU C 165 -4.96 43.82 -4.40
C LEU C 165 -3.57 43.85 -5.01
N PHE C 166 -2.65 43.16 -4.35
CA PHE C 166 -1.30 43.01 -4.87
C PHE C 166 -0.81 41.65 -4.41
N SER C 167 0.23 41.14 -5.08
CA SER C 167 0.82 39.87 -4.71
C SER C 167 2.34 39.97 -4.71
N LEU C 168 2.97 39.13 -3.87
CA LEU C 168 4.40 39.15 -3.68
C LEU C 168 4.98 37.76 -3.93
N GLN C 169 5.97 37.70 -4.80
CA GLN C 169 6.75 36.49 -5.03
C GLN C 169 8.18 36.87 -4.65
N LEU C 170 8.59 36.48 -3.46
CA LEU C 170 9.92 36.76 -2.95
C LEU C 170 10.77 35.52 -3.17
N CYS C 171 11.85 35.66 -3.94
CA CYS C 171 12.73 34.54 -4.23
C CYS C 171 14.00 34.65 -3.40
N GLY C 172 14.38 33.57 -2.73
CA GLY C 172 15.58 33.64 -1.94
C GLY C 172 16.86 33.60 -2.75
N ALA C 173 17.91 33.05 -2.17
CA ALA C 173 19.20 32.98 -2.85
C ALA C 173 19.17 32.02 -4.03
N GLY C 174 20.02 32.31 -5.02
CA GLY C 174 20.33 31.37 -6.09
C GLY C 174 19.30 31.30 -7.21
N PHE C 175 19.12 32.39 -7.94
CA PHE C 175 18.13 32.46 -9.00
C PHE C 175 18.57 33.51 -10.01
N PRO C 176 18.06 33.45 -11.25
CA PRO C 176 18.42 34.45 -12.27
C PRO C 176 17.86 35.84 -11.99
N ALA C 184 22.84 43.38 -5.58
CA ALA C 184 21.67 42.55 -5.27
C ALA C 184 22.00 41.06 -5.41
N SER C 185 21.51 40.26 -4.48
CA SER C 185 21.66 38.82 -4.55
C SER C 185 20.33 38.06 -4.50
N VAL C 186 19.20 38.76 -4.36
CA VAL C 186 17.88 38.15 -4.38
C VAL C 186 16.96 39.00 -5.26
N GLY C 187 15.88 38.37 -5.73
CA GLY C 187 14.91 39.01 -6.57
C GLY C 187 13.52 38.52 -6.25
N GLY C 188 12.54 39.04 -6.99
CA GLY C 188 11.17 38.67 -6.81
C GLY C 188 10.26 39.58 -7.61
N SER C 189 8.95 39.45 -7.37
CA SER C 189 7.96 40.21 -8.12
C SER C 189 6.93 40.80 -7.16
N MET C 190 6.58 42.06 -7.38
CA MET C 190 5.42 42.67 -6.73
C MET C 190 4.43 43.01 -7.83
N ILE C 191 3.38 42.20 -7.92
CA ILE C 191 2.37 42.38 -8.96
C ILE C 191 1.30 43.27 -8.34
N ILE C 192 1.24 44.51 -8.82
CA ILE C 192 0.34 45.52 -8.29
C ILE C 192 -0.96 45.45 -9.09
N GLY C 193 -2.06 45.16 -8.41
CA GLY C 193 -3.36 45.12 -9.04
C GLY C 193 -3.81 43.76 -9.52
N GLY C 194 -3.07 42.70 -9.22
CA GLY C 194 -3.53 41.42 -9.71
C GLY C 194 -2.62 40.28 -9.32
N ILE C 195 -2.89 39.16 -9.97
CA ILE C 195 -2.23 37.88 -9.77
C ILE C 195 -1.65 37.46 -11.11
N ASP C 196 -0.38 37.11 -11.12
CA ASP C 196 0.28 36.64 -12.33
C ASP C 196 0.41 35.13 -12.22
N HIS C 197 -0.35 34.41 -13.07
CA HIS C 197 -0.45 32.96 -12.93
C HIS C 197 0.84 32.23 -13.30
N SER C 198 1.73 32.85 -14.06
CA SER C 198 2.99 32.18 -14.36
C SER C 198 3.93 32.09 -13.15
N LEU C 199 3.64 32.81 -12.07
CA LEU C 199 4.55 32.87 -10.93
C LEU C 199 4.30 31.79 -9.89
N TYR C 200 3.31 30.92 -10.08
CA TYR C 200 3.05 29.89 -9.08
C TYR C 200 2.58 28.62 -9.75
N THR C 201 2.64 27.52 -9.01
CA THR C 201 2.11 26.24 -9.45
C THR C 201 1.08 25.75 -8.46
N GLY C 202 0.23 24.82 -8.92
CA GLY C 202 -0.78 24.28 -8.02
C GLY C 202 -1.88 25.30 -7.75
N SER C 203 -2.61 25.07 -6.64
CA SER C 203 -3.73 25.92 -6.32
C SER C 203 -3.37 26.99 -5.28
N LEU C 204 -4.09 28.11 -5.35
CA LEU C 204 -4.06 29.16 -4.33
C LEU C 204 -5.04 28.79 -3.23
N TRP C 205 -4.59 28.87 -1.97
CA TRP C 205 -5.43 28.64 -0.80
C TRP C 205 -5.53 29.94 -0.02
N TYR C 206 -6.74 30.32 0.40
CA TYR C 206 -6.99 31.60 1.03
C TYR C 206 -7.32 31.47 2.50
N THR C 207 -6.79 32.38 3.29
CA THR C 207 -7.09 32.56 4.70
C THR C 207 -7.61 33.97 4.94
N PRO C 208 -8.59 34.15 5.82
CA PRO C 208 -9.14 35.49 6.02
C PRO C 208 -8.14 36.43 6.67
N ILE C 209 -8.20 37.68 6.24
CA ILE C 209 -7.56 38.77 6.96
C ILE C 209 -8.47 39.06 8.15
N ARG C 210 -7.99 38.77 9.36
CA ARG C 210 -8.85 38.85 10.53
C ARG C 210 -9.36 40.25 10.76
N ARG C 211 -8.48 41.24 10.62
CA ARG C 211 -8.78 42.63 10.85
C ARG C 211 -7.82 43.43 9.99
N GLU C 212 -8.31 44.52 9.42
CA GLU C 212 -7.50 45.34 8.51
C GLU C 212 -6.70 46.33 9.35
N TRP C 213 -5.54 45.86 9.82
CA TRP C 213 -4.60 46.80 10.43
C TRP C 213 -3.21 46.35 9.99
N TYR C 214 -2.62 45.41 10.72
CA TYR C 214 -1.67 44.53 10.08
C TYR C 214 -2.42 43.61 9.12
N TYR C 215 -1.66 42.88 8.29
CA TYR C 215 -2.26 41.75 7.57
C TYR C 215 -2.30 40.59 8.57
N GLU C 216 -3.32 40.61 9.42
CA GLU C 216 -3.42 39.65 10.52
C GLU C 216 -4.15 38.40 10.04
N VAL C 217 -3.59 37.23 10.38
CA VAL C 217 -4.19 35.95 10.04
C VAL C 217 -4.23 35.10 11.31
N ILE C 218 -4.87 33.94 11.19
CA ILE C 218 -5.06 33.03 12.32
C ILE C 218 -4.36 31.71 12.00
N ILE C 219 -3.39 31.34 12.82
CA ILE C 219 -2.76 30.03 12.75
C ILE C 219 -3.57 29.08 13.63
N VAL C 220 -4.01 27.95 13.07
CA VAL C 220 -4.89 27.03 13.79
C VAL C 220 -4.21 25.74 14.21
N ARG C 221 -3.01 25.47 13.71
CA ARG C 221 -2.31 24.24 14.06
C ARG C 221 -0.87 24.41 13.61
N VAL C 222 0.03 23.79 14.36
CA VAL C 222 1.45 23.76 14.03
C VAL C 222 1.92 22.32 14.20
N GLU C 223 2.62 21.81 13.19
CA GLU C 223 3.23 20.49 13.24
C GLU C 223 4.69 20.62 12.87
N ILE C 224 5.52 19.82 13.53
CA ILE C 224 6.94 19.69 13.20
C ILE C 224 7.20 18.22 12.88
N ASN C 225 7.62 17.96 11.63
CA ASN C 225 7.80 16.59 11.11
C ASN C 225 6.54 15.75 11.32
N GLY C 226 5.38 16.38 11.12
CA GLY C 226 4.13 15.67 11.21
C GLY C 226 3.56 15.49 12.60
N GLN C 227 4.22 15.98 13.64
CA GLN C 227 3.70 15.85 15.00
C GLN C 227 3.15 17.19 15.45
N ASP C 228 1.93 17.16 15.98
CA ASP C 228 1.27 18.37 16.45
C ASP C 228 2.00 18.91 17.68
N LEU C 229 2.29 20.21 17.70
CA LEU C 229 2.84 20.80 18.91
C LEU C 229 1.82 20.77 20.05
N LYS C 230 0.54 20.64 19.71
CA LYS C 230 -0.57 20.44 20.67
C LYS C 230 -0.61 21.53 21.73
N MET C 231 -0.30 22.75 21.34
CA MET C 231 -0.49 23.87 22.24
C MET C 231 -1.91 24.41 22.06
N ASP C 232 -2.39 25.13 23.07
CA ASP C 232 -3.61 25.90 22.90
C ASP C 232 -3.42 26.82 21.72
N CYS C 233 -4.31 26.71 20.70
CA CYS C 233 -4.03 27.42 19.46
C CYS C 233 -4.02 28.93 19.64
N LYS C 234 -4.64 29.47 20.72
CA LYS C 234 -4.49 30.91 20.96
C LYS C 234 -3.04 31.30 21.17
N GLU C 235 -2.23 30.37 21.70
CA GLU C 235 -0.81 30.66 21.90
C GLU C 235 -0.10 30.96 20.59
N TYR C 236 -0.52 30.35 19.48
CA TYR C 236 0.09 30.58 18.17
C TYR C 236 -0.11 32.01 17.69
N ASN C 237 -1.20 32.63 18.12
CA ASN C 237 -1.58 33.97 17.70
C ASN C 237 -1.57 34.92 18.89
N TYR C 238 -0.75 34.58 19.90
CA TYR C 238 -0.75 35.32 21.15
C TYR C 238 -0.20 36.70 20.91
N ASP C 239 -1.12 37.66 21.06
CA ASP C 239 -1.11 39.03 20.63
C ASP C 239 -1.78 38.99 19.26
N LYS C 240 -1.06 38.48 18.26
CA LYS C 240 -1.53 38.45 16.87
C LYS C 240 -0.56 37.61 16.04
N SER C 241 -0.98 37.33 14.81
CA SER C 241 -0.13 36.72 13.79
C SER C 241 -0.24 37.57 12.54
N ILE C 242 0.91 37.96 11.96
CA ILE C 242 0.90 38.87 10.82
C ILE C 242 1.82 38.33 9.72
N VAL C 243 1.59 38.79 8.50
CA VAL C 243 2.45 38.47 7.36
C VAL C 243 3.28 39.72 7.06
N ASP C 244 4.61 39.59 7.09
CA ASP C 244 5.45 40.79 6.98
C ASP C 244 6.64 40.55 6.05
N SER C 245 6.57 41.10 4.85
CA SER C 245 7.68 41.02 3.90
C SER C 245 8.92 41.77 4.37
N GLY C 246 8.79 42.67 5.34
CA GLY C 246 9.91 43.43 5.86
C GLY C 246 10.59 42.83 7.07
N THR C 247 10.24 41.61 7.46
CA THR C 247 10.92 40.89 8.53
C THR C 247 11.58 39.66 7.92
N THR C 248 12.87 39.46 8.23
CA THR C 248 13.58 38.29 7.70
C THR C 248 13.06 36.98 8.31
N ASN C 249 12.98 36.91 9.63
CA ASN C 249 12.79 35.64 10.30
C ASN C 249 11.31 35.25 10.40
N LEU C 250 11.08 33.99 10.76
CA LEU C 250 9.85 33.55 11.38
C LEU C 250 9.95 33.89 12.86
N ARG C 251 9.13 34.80 13.34
CA ARG C 251 9.18 35.21 14.73
C ARG C 251 7.97 34.61 15.44
N LEU C 252 8.21 33.99 16.60
CA LEU C 252 7.17 33.25 17.31
C LEU C 252 7.04 33.72 18.74
N PRO C 253 5.82 33.76 19.28
CA PRO C 253 5.65 34.09 20.70
C PRO C 253 6.49 33.14 21.55
N LYS C 254 6.96 33.65 22.69
CA LYS C 254 7.88 32.95 23.56
C LYS C 254 7.53 31.48 23.77
N LYS C 255 6.31 31.20 24.27
CA LYS C 255 5.96 29.81 24.57
C LYS C 255 6.03 28.94 23.32
N VAL C 256 5.58 29.47 22.17
CA VAL C 256 5.65 28.72 20.92
C VAL C 256 7.09 28.56 20.46
N PHE C 257 7.90 29.62 20.58
CA PHE C 257 9.30 29.53 20.21
C PHE C 257 10.00 28.43 21.00
N GLU C 258 9.78 28.40 22.31
CA GLU C 258 10.46 27.40 23.13
C GLU C 258 10.04 25.99 22.75
N ALA C 259 8.73 25.76 22.55
CA ALA C 259 8.29 24.44 22.11
C ALA C 259 8.87 24.08 20.75
N ALA C 260 8.92 25.03 19.82
CA ALA C 260 9.44 24.75 18.49
C ALA C 260 10.94 24.43 18.54
N VAL C 261 11.71 25.22 19.29
CA VAL C 261 13.15 24.98 19.40
C VAL C 261 13.43 23.60 19.99
N LYS C 262 12.67 23.24 21.03
CA LYS C 262 12.81 21.93 21.66
C LYS C 262 12.59 20.79 20.66
N SER C 263 11.60 20.93 19.78
CA SER C 263 11.38 19.87 18.79
C SER C 263 12.47 19.85 17.74
N ILE C 264 12.90 21.03 17.27
CA ILE C 264 13.94 21.08 16.25
C ILE C 264 15.26 20.58 16.82
N LYS C 265 15.57 20.93 18.07
CA LYS C 265 16.77 20.39 18.74
C LYS C 265 16.72 18.88 18.80
N ALA C 266 15.62 18.34 19.34
CA ALA C 266 15.49 16.90 19.48
C ALA C 266 15.66 16.18 18.14
N ALA C 267 15.11 16.77 17.07
CA ALA C 267 15.19 16.10 15.77
C ALA C 267 16.60 16.12 15.21
N SER C 268 17.39 17.12 15.58
CA SER C 268 18.76 17.24 15.10
C SER C 268 19.78 16.95 16.19
N SER C 269 19.38 16.23 17.25
CA SER C 269 20.25 15.99 18.39
C SER C 269 21.52 15.22 18.02
N THR C 270 21.49 14.42 16.94
CA THR C 270 22.71 13.71 16.55
C THR C 270 23.87 14.67 16.30
N GLU C 271 23.62 15.95 16.03
CA GLU C 271 24.71 16.91 15.95
C GLU C 271 24.53 17.98 17.02
N LYS C 272 25.65 18.61 17.41
CA LYS C 272 25.64 19.61 18.45
C LYS C 272 25.90 21.00 17.89
N PHE C 273 25.18 21.98 18.41
CA PHE C 273 25.30 23.36 17.98
C PHE C 273 25.52 24.22 19.22
N PRO C 274 26.42 25.20 19.18
CA PRO C 274 26.57 26.09 20.33
C PRO C 274 25.24 26.80 20.59
N ASP C 275 24.87 26.94 21.87
CA ASP C 275 23.55 27.48 22.20
C ASP C 275 23.33 28.88 21.62
N GLY C 276 24.39 29.66 21.41
CA GLY C 276 24.21 30.90 20.68
C GLY C 276 23.66 30.71 19.29
N PHE C 277 23.80 29.50 18.73
CA PHE C 277 23.20 29.22 17.43
C PHE C 277 21.68 29.35 17.48
N TRP C 278 21.06 28.70 18.48
CA TRP C 278 19.60 28.71 18.59
C TRP C 278 19.03 30.07 18.95
N LEU C 279 19.87 31.03 19.33
CA LEU C 279 19.40 32.38 19.59
C LEU C 279 19.66 33.30 18.40
N GLY C 280 20.16 32.78 17.29
CA GLY C 280 20.56 33.58 16.16
C GLY C 280 21.89 34.31 16.32
N GLU C 281 22.59 34.11 17.43
CA GLU C 281 23.83 34.81 17.71
C GLU C 281 25.07 34.16 17.09
N GLN C 282 25.07 32.85 16.91
CA GLN C 282 26.20 32.10 16.38
C GLN C 282 25.79 31.27 15.18
N LEU C 283 26.69 31.15 14.21
CA LEU C 283 26.42 30.36 13.01
C LEU C 283 27.08 28.99 13.09
N VAL C 284 26.52 28.03 12.34
CA VAL C 284 27.06 26.68 12.23
C VAL C 284 27.55 26.49 10.80
N CYS C 285 28.56 25.63 10.62
CA CYS C 285 29.15 25.40 9.31
C CYS C 285 29.37 23.90 9.06
N TRP C 286 29.53 23.57 7.78
CA TRP C 286 29.79 22.22 7.30
C TRP C 286 30.56 22.31 6.00
N GLN C 287 31.28 21.23 5.66
CA GLN C 287 31.98 21.18 4.38
C GLN C 287 31.02 21.33 3.22
N ALA C 288 31.46 22.03 2.19
CA ALA C 288 30.66 22.31 1.00
C ALA C 288 29.89 21.07 0.55
N GLY C 289 28.57 21.21 0.46
CA GLY C 289 27.72 20.13 0.02
C GLY C 289 27.52 19.00 1.00
N THR C 290 27.83 19.19 2.28
CA THR C 290 27.60 18.14 3.27
C THR C 290 26.63 18.58 4.38
N THR C 291 25.88 19.66 4.16
CA THR C 291 24.91 20.09 5.17
C THR C 291 23.91 18.95 5.39
N PRO C 292 23.72 18.48 6.63
CA PRO C 292 22.80 17.36 6.88
C PRO C 292 21.35 17.81 6.96
N TRP C 293 20.82 18.31 5.83
CA TRP C 293 19.45 18.80 5.78
C TRP C 293 18.47 17.81 6.38
N ASN C 294 18.69 16.52 6.15
CA ASN C 294 17.75 15.47 6.53
C ASN C 294 17.47 15.45 8.03
N ILE C 295 18.42 15.86 8.87
CA ILE C 295 18.15 15.81 10.31
C ILE C 295 17.37 17.01 10.81
N PHE C 296 17.12 17.99 9.95
CA PHE C 296 16.30 19.14 10.36
C PHE C 296 14.87 18.97 9.86
N PRO C 297 13.86 19.20 10.71
CA PRO C 297 12.48 18.87 10.35
C PRO C 297 11.80 19.93 9.51
N VAL C 298 10.71 19.52 8.86
CA VAL C 298 9.83 20.45 8.17
C VAL C 298 8.85 21.03 9.19
N ILE C 299 8.45 22.29 8.96
CA ILE C 299 7.49 22.96 9.84
C ILE C 299 6.25 23.22 9.01
N SER C 300 5.10 22.83 9.54
CA SER C 300 3.83 23.03 8.87
C SER C 300 3.03 24.03 9.68
N LEU C 301 2.67 25.16 9.06
CA LEU C 301 1.78 26.14 9.67
C LEU C 301 0.43 25.97 9.01
N TYR C 302 -0.59 25.66 9.81
CA TYR C 302 -1.94 25.56 9.30
C TYR C 302 -2.62 26.91 9.46
N LEU C 303 -3.19 27.42 8.37
CA LEU C 303 -3.90 28.68 8.39
C LEU C 303 -5.39 28.40 8.25
N MET C 304 -6.18 29.12 9.03
CA MET C 304 -7.63 28.99 9.00
C MET C 304 -8.16 29.27 7.61
N GLY C 305 -9.06 28.44 7.12
CA GLY C 305 -9.55 28.72 5.79
C GLY C 305 -10.69 29.70 5.86
N GLU C 306 -11.17 30.09 4.69
CA GLU C 306 -12.30 31.00 4.71
C GLU C 306 -13.52 30.21 5.14
N VAL C 307 -13.50 28.90 4.89
CA VAL C 307 -14.41 27.91 5.45
C VAL C 307 -13.51 26.98 6.26
N THR C 308 -13.89 26.70 7.51
CA THR C 308 -12.94 25.99 8.37
C THR C 308 -12.75 24.52 8.03
N ASN C 309 -13.48 23.93 7.07
CA ASN C 309 -13.04 22.64 6.58
C ASN C 309 -12.32 22.77 5.25
N GLN C 310 -11.89 24.00 4.93
CA GLN C 310 -11.04 24.31 3.80
C GLN C 310 -9.79 25.06 4.29
N SER C 311 -9.40 24.80 5.53
CA SER C 311 -8.13 25.32 5.99
C SER C 311 -7.01 24.63 5.20
N PHE C 312 -5.78 25.09 5.41
CA PHE C 312 -4.68 24.54 4.65
C PHE C 312 -3.40 24.71 5.45
N ARG C 313 -2.34 24.07 4.96
CA ARG C 313 -1.05 24.19 5.62
C ARG C 313 -0.01 24.63 4.60
N ILE C 314 0.95 25.40 5.09
CA ILE C 314 2.12 25.74 4.30
C ILE C 314 3.31 25.10 5.02
N THR C 315 4.15 24.41 4.27
CA THR C 315 5.23 23.66 4.90
C THR C 315 6.54 24.26 4.47
N ILE C 316 7.42 24.53 5.43
CA ILE C 316 8.71 25.13 5.11
C ILE C 316 9.80 24.12 5.46
N LEU C 317 10.78 24.08 4.61
CA LEU C 317 11.93 23.20 4.71
C LEU C 317 13.04 23.88 5.50
N PRO C 318 13.96 23.10 6.08
CA PRO C 318 15.09 23.71 6.78
C PRO C 318 15.94 24.64 5.92
N GLN C 319 15.95 24.46 4.60
CA GLN C 319 16.65 25.42 3.74
C GLN C 319 16.05 26.82 3.88
N GLN C 320 14.83 26.92 4.41
CA GLN C 320 14.22 28.23 4.58
C GLN C 320 14.55 28.83 5.95
N TYR C 321 14.59 28.03 7.01
CA TYR C 321 14.83 28.61 8.33
C TYR C 321 16.29 28.48 8.77
N LEU C 322 17.17 27.96 7.90
CA LEU C 322 18.63 27.97 8.12
C LEU C 322 19.19 28.90 7.04
N ARG C 323 19.40 30.16 7.40
CA ARG C 323 19.76 31.16 6.42
C ARG C 323 21.26 31.11 6.12
N PRO C 324 21.65 31.08 4.86
CA PRO C 324 23.08 31.02 4.53
C PRO C 324 23.77 32.36 4.79
N VAL C 325 24.96 32.28 5.37
CA VAL C 325 25.78 33.44 5.69
C VAL C 325 27.17 33.26 5.11
N GLU C 326 27.80 34.38 4.76
CA GLU C 326 29.14 34.38 4.18
C GLU C 326 30.14 33.91 5.25
N ASP C 327 30.99 32.95 4.87
CA ASP C 327 31.96 32.38 5.80
C ASP C 327 33.08 33.36 6.12
N VAL C 328 33.16 33.76 7.39
CA VAL C 328 34.18 34.67 7.91
C VAL C 328 35.51 33.98 8.21
N ALA C 329 35.83 32.90 7.48
CA ALA C 329 37.08 32.19 7.76
C ALA C 329 37.91 31.81 6.54
N THR C 330 37.59 32.32 5.35
CA THR C 330 38.32 31.96 4.13
C THR C 330 38.24 30.45 3.93
N SER C 331 37.10 29.95 3.48
CA SER C 331 36.96 28.53 3.21
C SER C 331 35.81 28.31 2.23
N GLN C 332 35.64 27.05 1.84
CA GLN C 332 34.56 26.60 0.99
C GLN C 332 33.38 26.07 1.79
N ASP C 333 33.35 26.32 3.09
CA ASP C 333 32.30 25.74 3.92
C ASP C 333 30.99 26.48 3.79
N ASP C 334 29.91 25.75 4.05
CA ASP C 334 28.56 26.28 4.06
C ASP C 334 28.18 26.60 5.50
N CYS C 335 27.96 27.88 5.78
CA CYS C 335 27.61 28.32 7.13
C CYS C 335 26.19 28.87 7.15
N TYR C 336 25.50 28.72 8.28
CA TYR C 336 24.09 29.06 8.39
C TYR C 336 23.76 29.66 9.76
N LYS C 337 22.75 30.55 9.78
CA LYS C 337 22.19 31.10 11.01
C LYS C 337 20.74 30.64 11.16
N PHE C 338 20.33 30.39 12.41
CA PHE C 338 18.97 30.01 12.75
C PHE C 338 18.03 31.20 12.59
N ALA C 339 17.10 31.12 11.62
CA ALA C 339 16.23 32.25 11.29
C ALA C 339 14.81 32.11 11.88
N ILE C 340 14.69 31.47 13.03
CA ILE C 340 13.49 31.47 13.83
C ILE C 340 13.87 32.14 15.14
N SER C 341 13.15 33.18 15.51
CA SER C 341 13.50 33.90 16.73
C SER C 341 12.24 34.23 17.52
N GLN C 342 12.45 34.60 18.77
CA GLN C 342 11.38 34.81 19.72
C GLN C 342 10.80 36.21 19.60
N SER C 343 9.50 36.32 19.83
CA SER C 343 8.81 37.59 19.72
C SER C 343 8.00 37.82 20.98
N SER C 344 7.82 39.09 21.32
CA SER C 344 6.89 39.47 22.37
C SER C 344 5.69 40.23 21.81
N THR C 345 5.55 40.29 20.48
CA THR C 345 4.45 41.01 19.85
C THR C 345 3.70 40.13 18.85
N GLY C 346 3.66 38.82 19.11
CA GLY C 346 2.94 37.90 18.27
C GLY C 346 3.82 37.27 17.21
N THR C 347 3.19 36.38 16.41
CA THR C 347 3.89 35.71 15.33
C THR C 347 4.13 36.68 14.18
N VAL C 348 5.30 36.59 13.57
CA VAL C 348 5.59 37.31 12.33
C VAL C 348 6.03 36.27 11.31
N MET C 349 5.23 36.10 10.25
CA MET C 349 5.60 35.26 9.12
C MET C 349 6.39 36.14 8.17
N GLY C 350 7.72 36.13 8.33
CA GLY C 350 8.60 36.95 7.54
C GLY C 350 9.07 36.25 6.26
N ALA C 351 10.18 36.74 5.72
CA ALA C 351 10.71 36.21 4.46
C ALA C 351 11.01 34.71 4.54
N VAL C 352 11.39 34.23 5.73
CA VAL C 352 11.57 32.79 5.96
C VAL C 352 10.34 32.02 5.53
N ILE C 353 9.17 32.58 5.77
CA ILE C 353 7.94 31.94 5.36
C ILE C 353 7.58 32.32 3.92
N MET C 354 7.65 33.60 3.57
CA MET C 354 7.11 34.07 2.28
C MET C 354 7.94 33.57 1.09
N GLU C 355 9.25 33.47 1.25
CA GLU C 355 10.09 33.02 0.15
C GLU C 355 9.72 31.60 -0.24
N GLY C 356 9.66 31.34 -1.54
CA GLY C 356 9.19 30.04 -1.98
C GLY C 356 7.68 29.93 -2.13
N PHE C 357 6.92 30.95 -1.69
CA PHE C 357 5.49 30.97 -1.89
C PHE C 357 5.10 32.23 -2.64
N TYR C 358 3.99 32.15 -3.36
CA TYR C 358 3.36 33.29 -3.97
C TYR C 358 2.22 33.72 -3.05
N VAL C 359 2.28 34.96 -2.57
CA VAL C 359 1.38 35.43 -1.51
C VAL C 359 0.53 36.54 -2.09
N VAL C 360 -0.78 36.34 -2.07
CA VAL C 360 -1.74 37.29 -2.65
C VAL C 360 -2.37 38.05 -1.51
N PHE C 361 -2.20 39.38 -1.52
CA PHE C 361 -2.80 40.27 -0.53
C PHE C 361 -4.08 40.80 -1.15
N ASP C 362 -5.13 40.00 -1.02
CA ASP C 362 -6.42 40.25 -1.69
C ASP C 362 -7.25 41.16 -0.79
N ARG C 363 -6.87 42.44 -0.77
CA ARG C 363 -7.55 43.40 0.09
C ARG C 363 -9.03 43.51 -0.26
N ALA C 364 -9.37 43.48 -1.56
CA ALA C 364 -10.77 43.64 -1.96
C ALA C 364 -11.64 42.57 -1.33
N ARG C 365 -11.11 41.34 -1.17
CA ARG C 365 -11.88 40.28 -0.55
C ARG C 365 -11.38 39.95 0.87
N LYS C 366 -10.55 40.82 1.44
CA LYS C 366 -10.13 40.67 2.84
C LYS C 366 -9.60 39.26 3.12
N ARG C 367 -8.65 38.82 2.29
CA ARG C 367 -8.07 37.50 2.45
C ARG C 367 -6.68 37.49 1.86
N ILE C 368 -5.88 36.53 2.31
CA ILE C 368 -4.52 36.33 1.81
C ILE C 368 -4.43 34.93 1.23
N GLY C 369 -3.92 34.83 0.00
CA GLY C 369 -3.74 33.54 -0.66
C GLY C 369 -2.29 33.11 -0.65
N PHE C 370 -2.07 31.80 -0.60
CA PHE C 370 -0.76 31.19 -0.68
C PHE C 370 -0.75 30.13 -1.77
N ALA C 371 0.29 30.12 -2.59
CA ALA C 371 0.52 29.04 -3.53
C ALA C 371 2.03 28.80 -3.62
N VAL C 372 2.41 27.57 -4.01
CA VAL C 372 3.81 27.27 -4.22
C VAL C 372 4.35 28.16 -5.33
N SER C 373 5.46 28.82 -5.06
CA SER C 373 6.06 29.75 -6.01
C SER C 373 6.85 29.00 -7.08
N ALA C 374 6.90 29.59 -8.28
CA ALA C 374 7.77 29.04 -9.30
C ALA C 374 9.24 29.09 -8.89
N CYS C 375 9.61 29.97 -7.95
CA CYS C 375 10.98 30.04 -7.46
C CYS C 375 11.01 29.38 -6.09
N HIS C 376 11.34 28.10 -6.06
CA HIS C 376 11.40 27.40 -4.78
C HIS C 376 12.60 26.47 -4.75
N VAL C 377 13.35 26.52 -3.65
CA VAL C 377 14.48 25.64 -3.43
C VAL C 377 14.02 24.44 -2.63
N HIS C 378 14.13 23.26 -3.22
CA HIS C 378 13.76 22.01 -2.58
C HIS C 378 14.89 21.01 -2.78
N ASP C 379 15.10 20.16 -1.78
CA ASP C 379 16.10 19.11 -1.94
C ASP C 379 15.47 17.96 -2.73
N GLU C 380 16.13 16.80 -2.81
CA GLU C 380 15.58 15.79 -3.68
C GLU C 380 14.60 14.87 -2.98
N PHE C 381 14.45 14.99 -1.67
CA PHE C 381 13.53 14.12 -0.96
C PHE C 381 12.32 14.83 -0.36
N ARG C 382 12.37 16.14 -0.13
CA ARG C 382 11.24 16.86 0.45
C ARG C 382 10.95 18.09 -0.40
N THR C 383 9.72 18.59 -0.30
CA THR C 383 9.30 19.75 -1.07
C THR C 383 8.37 20.62 -0.25
N ALA C 384 8.60 21.93 -0.29
CA ALA C 384 7.70 22.89 0.30
C ALA C 384 6.34 22.80 -0.39
N ALA C 385 5.28 23.07 0.36
CA ALA C 385 3.96 22.81 -0.17
C ALA C 385 2.92 23.75 0.46
N VAL C 386 1.80 23.89 -0.27
CA VAL C 386 0.57 24.51 0.22
C VAL C 386 -0.48 23.44 -0.02
N GLU C 387 -1.04 22.90 1.04
CA GLU C 387 -1.86 21.70 0.94
C GLU C 387 -3.17 21.87 1.69
N GLY C 388 -4.24 21.32 1.12
CA GLY C 388 -5.55 21.34 1.72
C GLY C 388 -6.45 20.38 0.97
N PRO C 389 -7.69 20.23 1.42
CA PRO C 389 -8.24 20.93 2.58
C PRO C 389 -7.94 20.25 3.90
N PHE C 390 -7.98 21.02 4.99
CA PHE C 390 -7.98 20.49 6.34
C PHE C 390 -9.18 21.05 7.07
N VAL C 391 -9.68 20.29 8.04
CA VAL C 391 -10.73 20.76 8.92
C VAL C 391 -10.08 21.12 10.24
N THR C 392 -10.36 22.33 10.73
CA THR C 392 -9.61 22.82 11.88
C THR C 392 -10.51 23.67 12.74
N LEU C 393 -9.92 24.18 13.82
CA LEU C 393 -10.55 25.16 14.68
C LEU C 393 -10.62 26.50 13.95
N ASP C 394 -11.35 27.44 14.54
CA ASP C 394 -11.55 28.77 13.94
C ASP C 394 -11.15 29.94 14.84
N MET C 395 -11.63 31.13 14.49
CA MET C 395 -11.25 32.35 15.21
C MET C 395 -11.66 32.29 16.69
N GLU C 396 -12.80 31.67 16.99
CA GLU C 396 -13.24 31.62 18.37
C GLU C 396 -12.26 30.86 19.25
N ASP C 397 -11.75 29.74 18.77
CA ASP C 397 -10.82 28.95 19.54
C ASP C 397 -9.37 29.43 19.41
N CYS C 398 -9.01 30.09 18.31
CA CYS C 398 -7.61 30.39 18.07
C CYS C 398 -7.27 31.88 18.03
N GLY C 399 -8.25 32.75 17.81
CA GLY C 399 -7.98 34.18 17.82
C GLY C 399 -7.84 34.74 19.23
N TYR C 400 -6.83 35.59 19.41
CA TYR C 400 -6.61 36.23 20.69
C TYR C 400 -7.38 37.55 20.74
N ASN C 401 -7.83 37.90 21.94
CA ASN C 401 -8.54 39.16 22.16
C ASN C 401 -8.00 39.90 23.39
N1 AR9 D . 1.20 -14.99 9.26
C3 AR9 D . 0.05 -15.90 9.17
C5 AR9 D . -0.09 -16.68 10.48
C8 AR9 D . 1.17 -17.56 10.69
C10 AR9 D . 1.39 -17.92 12.16
C13 AR9 D . 1.93 -16.81 13.02
C16 AR9 D . 3.39 -16.88 13.23
C19 AR9 D . 3.93 -15.76 14.12
C22 AR9 D . 4.59 -14.67 13.33
C25 AR9 D . 5.29 -15.23 12.12
C28 AR9 D . 5.90 -14.19 11.29
C31 AR9 D . 4.95 -13.59 10.28
N32 AR9 D . 4.23 -14.45 9.56
C34 AR9 D . 3.29 -13.98 8.55
C36 AR9 D . 2.14 -14.95 8.31
O37 AR9 D . 2.08 -15.63 7.29
C38 AR9 D . 4.01 -13.72 7.23
O42 AR9 D . 4.87 -12.37 10.14
C43 AR9 D . 1.11 -18.82 9.82
C47 AR9 D . -1.24 -15.14 8.80
O49 AR9 D . -1.57 -14.22 9.84
C51 AR9 D . -1.10 -14.35 7.50
C54 AR9 D . -2.47 -14.08 6.83
C56 AR9 D . -2.42 -12.80 5.98
C60 AR9 D . -2.88 -15.23 5.92
O61 AR9 D . -2.06 -15.82 5.21
N62 AR9 D . -4.17 -15.54 5.90
C64 AR9 D . -4.71 -16.57 5.04
C67 AR9 D . -6.19 -16.76 5.23
C70 AR9 D . -6.84 -17.49 4.08
C73 AR9 D . -6.52 -18.98 4.04
N1 AR9 E . -3.48 -28.08 -25.67
C3 AR9 E . -2.15 -28.67 -25.79
C5 AR9 E . -1.17 -27.90 -24.88
C8 AR9 E . -1.04 -26.44 -25.31
C10 AR9 E . -0.46 -25.51 -24.23
C13 AR9 E . -1.43 -25.12 -23.14
C16 AR9 E . -2.13 -23.80 -23.36
C19 AR9 E . -3.13 -23.45 -22.25
C22 AR9 E . -4.58 -23.70 -22.64
C25 AR9 E . -4.80 -23.53 -24.12
C28 AR9 E . -6.20 -23.83 -24.53
C31 AR9 E . -6.39 -25.24 -25.03
N32 AR9 E . -5.45 -25.72 -25.85
C34 AR9 E . -5.57 -27.05 -26.40
C36 AR9 E . -4.21 -27.66 -26.73
O37 AR9 E . -3.84 -27.77 -27.90
C38 AR9 E . -6.44 -27.03 -27.65
O42 AR9 E . -7.40 -25.88 -24.73
C43 AR9 E . -0.26 -26.31 -26.62
C47 AR9 E . -2.18 -30.18 -25.52
O49 AR9 E . -2.54 -30.45 -24.16
C51 AR9 E . -3.17 -30.90 -26.44
C54 AR9 E . -2.84 -32.39 -26.65
C56 AR9 E . -4.12 -33.19 -26.94
C60 AR9 E . -1.91 -32.61 -27.81
O61 AR9 E . -2.11 -32.05 -28.89
N62 AR9 E . -0.92 -33.48 -27.63
C64 AR9 E . 0.03 -33.80 -28.68
C67 AR9 E . 0.96 -34.95 -28.30
C70 AR9 E . 1.75 -35.54 -29.56
C73 AR9 E . 2.80 -34.59 -30.12
N1 AR9 F . 11.20 44.93 10.21
C3 AR9 F . 10.48 46.18 10.00
C5 AR9 F . 10.99 46.85 8.71
C8 AR9 F . 12.44 47.33 8.89
C10 AR9 F . 13.19 47.56 7.56
C13 AR9 F . 13.53 46.29 6.81
C16 AR9 F . 14.95 45.83 7.01
C19 AR9 F . 15.27 44.58 6.25
C22 AR9 F . 15.19 43.37 7.11
C25 AR9 F . 15.72 43.67 8.47
C28 AR9 F . 15.71 42.52 9.35
C31 AR9 F . 14.39 42.32 10.05
N32 AR9 F . 13.86 43.40 10.63
C34 AR9 F . 12.61 43.31 11.37
C36 AR9 F . 11.86 44.64 11.34
O37 AR9 F . 11.86 45.37 12.33
C38 AR9 F . 12.87 42.89 12.81
O42 AR9 F . 13.86 41.21 10.08
C43 AR9 F . 12.49 48.61 9.75
C47 AR9 F . 8.96 45.96 10.00
O49 AR9 F . 8.56 45.21 8.84
C51 AR9 F . 8.49 45.20 11.25
C54 AR9 F . 6.99 45.41 11.55
C56 AR9 F . 6.44 44.24 12.34
C60 AR9 F . 6.75 46.69 12.37
O61 AR9 F . 7.46 46.96 13.34
N62 AR9 F . 5.71 47.43 12.02
C64 AR9 F . 5.36 48.66 12.73
C67 AR9 F . 4.01 49.24 12.28
C70 AR9 F . 3.44 50.24 13.24
C73 AR9 F . 4.26 51.52 13.27
#